data_3X1T
#
_entry.id   3X1T
#
_cell.length_a   105.771
_cell.length_b   109.597
_cell.length_c   181.597
_cell.angle_alpha   90.000
_cell.angle_beta   90.000
_cell.angle_gamma   90.000
#
_symmetry.space_group_name_H-M   'P 21 21 21'
#
loop_
_entity.id
_entity.type
_entity.pdbx_description
1 polymer 'DNA (146-MER)'
2 polymer 'Histone H3.1'
3 polymer 'Histone H4'
4 polymer 'Histone H2A'
5 polymer 'Histone H2B type 1-A'
6 non-polymer 'MANGANESE (II) ION'
7 non-polymer 'CHLORIDE ION'
8 water water
#
loop_
_entity_poly.entity_id
_entity_poly.type
_entity_poly.pdbx_seq_one_letter_code
_entity_poly.pdbx_strand_id
1 'polydeoxyribonucleotide'
;(DA)(DT)(DC)(DA)(DA)(DT)(DA)(DT)(DC)(DC)(DA)(DC)(DC)(DT)(DG)(DC)(DA)(DG)(DA)(DT)
(DT)(DC)(DT)(DA)(DC)(DC)(DA)(DA)(DA)(DA)(DG)(DT)(DG)(DT)(DA)(DT)(DT)(DT)(DG)(DG)
(DA)(DA)(DA)(DC)(DT)(DG)(DC)(DT)(DC)(DC)(DA)(DT)(DC)(DA)(DA)(DA)(DA)(DG)(DG)(DC)
(DA)(DT)(DG)(DT)(DT)(DC)(DA)(DG)(DC)(DT)(DG)(DA)(DA)(DT)(DT)(DC)(DA)(DG)(DC)(DT)
(DG)(DA)(DA)(DC)(DA)(DT)(DG)(DC)(DC)(DT)(DT)(DT)(DT)(DG)(DA)(DT)(DG)(DG)(DA)(DG)
(DC)(DA)(DG)(DT)(DT)(DT)(DC)(DC)(DA)(DA)(DA)(DT)(DA)(DC)(DA)(DC)(DT)(DT)(DT)(DT)
(DG)(DG)(DT)(DA)(DG)(DA)(DA)(DT)(DC)(DT)(DG)(DC)(DA)(DG)(DG)(DT)(DG)(DG)(DA)(DT)
(DA)(DT)(DT)(DG)(DA)(DT)
;
I,J
2 'polypeptide(L)'
;ARTKQTARKSTGGKAPRKQLATKAARKSAPATGGVKKPHRYRPGTVALREIRRYQKSTELLIRKLPFQRLVREIAQDFKT
DLRFQSSAVMALQEACEAYLVGLFEDTNLCAIHAKRVTIMPKDIQLARRIRGERA
;
A,E
3 'polypeptide(L)'
;SGRGKGGKGLGKGGAKRHRKVLRDNIQGITKPAIRRLARRGGVKRISGLIYEETRGVLKVFLENVIRDAVTYTEHAKRKT
VTAMDVVYALKRQGRTLYGFGG
;
B,F
4 'polypeptide(L)'
;SGPTKRGGKARAKVKSRSSRAGLQFPVGRVHRLLRQGNYAQRIGAGAPVYLAAVLEYLTAEVLELAGNAARDNKKTRITP
RHLQLAIRNDEELNKLLGRVTIAQGGVLPNIQAVLLPKKTESHKSQTK
;
C,G
5 'polypeptide(L)'
;PEVAVKGATISKKGFKKAVTKTQKKEGRKRKRCRKESYSIYIYKVLKQVHPDTGISSKAMSIMNSFVTDIFERIASEASR
LAHYNKRSTITSREIQTAVRLLLPGELAKHAVSEGTKAVTKYTSSK
;
D,H
#
# COMPACT_ATOMS: atom_id res chain seq x y z
N PRO C 38 -23.07 -43.50 25.95
CA PRO C 38 -23.00 -42.43 24.96
C PRO C 38 -22.51 -41.11 25.55
N HIS C 39 -21.48 -40.53 24.95
CA HIS C 39 -20.93 -39.27 25.43
C HIS C 39 -21.04 -38.17 24.39
N ARG C 40 -21.37 -36.96 24.84
CA ARG C 40 -21.51 -35.83 23.93
C ARG C 40 -20.98 -34.54 24.54
N TYR C 41 -20.13 -33.84 23.80
CA TYR C 41 -19.65 -32.52 24.23
C TYR C 41 -20.67 -31.47 23.82
N ARG C 42 -20.84 -30.45 24.67
CA ARG C 42 -21.78 -29.37 24.39
C ARG C 42 -21.30 -28.56 23.19
N PRO C 43 -22.24 -28.04 22.39
CA PRO C 43 -21.87 -27.21 21.25
C PRO C 43 -21.00 -26.03 21.67
N GLY C 44 -19.89 -25.83 20.97
CA GLY C 44 -18.94 -24.79 21.30
C GLY C 44 -17.62 -25.37 21.79
N THR C 45 -17.71 -26.49 22.50
CA THR C 45 -16.57 -27.12 23.14
C THR C 45 -15.54 -27.64 22.14
N VAL C 46 -16.00 -28.53 21.27
CA VAL C 46 -15.16 -29.06 20.21
C VAL C 46 -14.63 -27.92 19.35
N ALA C 47 -15.46 -26.91 19.13
CA ALA C 47 -15.08 -25.77 18.31
C ALA C 47 -13.88 -25.05 18.90
N LEU C 48 -13.95 -24.74 20.19
CA LEU C 48 -12.83 -24.13 20.91
C LEU C 48 -11.59 -25.03 20.85
N ARG C 49 -11.81 -26.33 21.04
CA ARG C 49 -10.75 -27.32 20.88
C ARG C 49 -10.03 -27.13 19.56
N GLU C 50 -10.81 -27.06 18.48
CA GLU C 50 -10.27 -26.94 17.14
C GLU C 50 -9.54 -25.62 16.95
N ILE C 51 -10.07 -24.55 17.53
CA ILE C 51 -9.41 -23.25 17.47
C ILE C 51 -8.02 -23.34 18.07
N ARG C 52 -7.90 -23.98 19.22
CA ARG C 52 -6.59 -24.10 19.85
C ARG C 52 -5.66 -24.99 19.02
N ARG C 53 -6.21 -26.09 18.52
CA ARG C 53 -5.43 -27.03 17.72
C ARG C 53 -4.83 -26.35 16.49
N TYR C 54 -5.67 -25.70 15.70
CA TYR C 54 -5.22 -25.16 14.43
C TYR C 54 -4.49 -23.83 14.62
N GLN C 55 -4.70 -23.17 15.75
CA GLN C 55 -3.85 -22.01 16.04
C GLN C 55 -2.47 -22.46 16.47
N LYS C 56 -2.35 -23.72 16.89
CA LYS C 56 -1.02 -24.25 17.20
C LYS C 56 -0.24 -24.72 15.96
N SER C 57 -0.94 -25.30 14.99
CA SER C 57 -0.26 -25.86 13.82
C SER C 57 0.03 -24.82 12.74
N THR C 58 0.75 -25.24 11.71
CA THR C 58 1.07 -24.38 10.56
C THR C 58 0.77 -25.10 9.24
N GLU C 59 0.20 -26.28 9.34
CA GLU C 59 -0.18 -27.07 8.18
C GLU C 59 -1.17 -26.33 7.27
N LEU C 60 -1.00 -26.48 5.96
CA LEU C 60 -2.02 -26.02 5.03
C LEU C 60 -3.30 -26.80 5.29
N LEU C 61 -4.45 -26.14 5.17
CA LEU C 61 -5.70 -26.71 5.65
C LEU C 61 -6.63 -27.09 4.51
N ILE C 62 -6.41 -26.47 3.35
CA ILE C 62 -7.10 -26.92 2.14
C ILE C 62 -6.30 -28.09 1.57
N ARG C 63 -7.01 -29.14 1.16
CA ARG C 63 -6.37 -30.31 0.55
C ARG C 63 -5.70 -29.96 -0.77
N LYS C 64 -4.49 -30.47 -0.97
CA LYS C 64 -3.60 -29.99 -2.01
C LYS C 64 -4.12 -30.19 -3.44
N LEU C 65 -4.56 -31.40 -3.76
CA LEU C 65 -4.99 -31.69 -5.12
C LEU C 65 -6.21 -30.86 -5.57
N PRO C 66 -7.29 -30.77 -4.76
CA PRO C 66 -8.43 -29.94 -5.21
C PRO C 66 -8.01 -28.51 -5.48
N PHE C 67 -7.11 -28.01 -4.65
CA PHE C 67 -6.59 -26.66 -4.81
C PHE C 67 -5.79 -26.51 -6.10
N GLN C 68 -4.97 -27.52 -6.40
CA GLN C 68 -4.15 -27.47 -7.61
C GLN C 68 -5.06 -27.50 -8.85
N ARG C 69 -6.12 -28.29 -8.75
CA ARG C 69 -7.17 -28.37 -9.76
C ARG C 69 -7.75 -26.98 -10.03
N LEU C 70 -8.24 -26.36 -8.96
CA LEU C 70 -8.79 -25.00 -9.00
C LEU C 70 -7.84 -23.97 -9.63
N VAL C 71 -6.59 -23.98 -9.15
CA VAL C 71 -5.55 -23.11 -9.68
C VAL C 71 -5.38 -23.29 -11.18
N ARG C 72 -5.22 -24.53 -11.61
CA ARG C 72 -4.99 -24.82 -13.03
C ARG C 72 -6.16 -24.40 -13.92
N GLU C 73 -7.39 -24.56 -13.41
CA GLU C 73 -8.59 -24.07 -14.12
C GLU C 73 -8.61 -22.55 -14.30
N ILE C 74 -8.54 -21.83 -13.17
CA ILE C 74 -8.52 -20.38 -13.17
C ILE C 74 -7.43 -19.87 -14.10
N ALA C 75 -6.24 -20.44 -13.97
CA ALA C 75 -5.10 -20.07 -14.79
C ALA C 75 -5.38 -20.37 -16.26
N GLN C 76 -6.10 -21.46 -16.51
CA GLN C 76 -6.45 -21.84 -17.87
C GLN C 76 -7.28 -20.77 -18.54
N ASP C 77 -8.15 -20.11 -17.78
CA ASP C 77 -8.92 -19.01 -18.35
C ASP C 77 -8.10 -17.82 -18.83
N PHE C 78 -6.83 -17.71 -18.42
CA PHE C 78 -6.00 -16.57 -18.79
C PHE C 78 -4.98 -16.89 -19.88
N LYS C 79 -4.43 -18.10 -19.82
CA LYS C 79 -3.55 -18.59 -20.86
C LYS C 79 -3.60 -20.11 -20.84
N THR C 80 -3.61 -20.72 -22.02
CA THR C 80 -3.78 -22.17 -22.12
C THR C 80 -2.46 -22.90 -22.22
N ASP C 81 -2.53 -24.21 -22.02
CA ASP C 81 -1.38 -25.10 -22.13
C ASP C 81 -0.28 -24.65 -21.16
N LEU C 82 -0.68 -24.23 -19.97
CA LEU C 82 0.26 -23.71 -19.00
C LEU C 82 0.77 -24.81 -18.07
N ARG C 83 2.02 -24.66 -17.65
CA ARG C 83 2.61 -25.55 -16.67
C ARG C 83 2.88 -24.79 -15.36
N PHE C 84 2.92 -25.52 -14.26
CA PHE C 84 3.11 -24.90 -12.95
C PHE C 84 4.23 -25.54 -12.15
N GLN C 85 5.18 -24.71 -11.71
CA GLN C 85 6.14 -25.16 -10.71
C GLN C 85 5.38 -25.55 -9.45
N SER C 86 5.78 -26.66 -8.84
CA SER C 86 5.16 -27.10 -7.59
C SER C 86 5.32 -26.04 -6.51
N SER C 87 6.47 -25.37 -6.52
CA SER C 87 6.72 -24.28 -5.58
C SER C 87 5.80 -23.09 -5.84
N ALA C 88 5.36 -22.94 -7.09
CA ALA C 88 4.44 -21.86 -7.45
C ALA C 88 3.03 -22.13 -6.93
N VAL C 89 2.58 -23.37 -7.10
CA VAL C 89 1.29 -23.79 -6.57
C VAL C 89 1.30 -23.69 -5.05
N MET C 90 2.41 -24.10 -4.44
CA MET C 90 2.55 -24.04 -3.00
C MET C 90 2.54 -22.60 -2.50
N ALA C 91 3.24 -21.72 -3.21
CA ALA C 91 3.26 -20.30 -2.85
C ALA C 91 1.84 -19.75 -2.91
N LEU C 92 1.14 -20.06 -3.99
CA LEU C 92 -0.26 -19.68 -4.11
C LEU C 92 -1.08 -20.14 -2.90
N GLN C 93 -0.97 -21.42 -2.53
CA GLN C 93 -1.78 -21.93 -1.42
C GLN C 93 -1.42 -21.26 -0.09
N GLU C 94 -0.13 -21.04 0.13
CA GLU C 94 0.32 -20.33 1.32
C GLU C 94 -0.32 -18.94 1.39
N ALA C 95 -0.10 -18.14 0.36
CA ALA C 95 -0.62 -16.78 0.29
C ALA C 95 -2.12 -16.76 0.52
N CYS C 96 -2.77 -17.72 -0.11
CA CYS C 96 -4.22 -17.87 -0.08
C CYS C 96 -4.78 -18.18 1.31
N GLU C 97 -4.25 -19.21 1.94
CA GLU C 97 -4.71 -19.61 3.25
C GLU C 97 -4.40 -18.53 4.29
N ALA C 98 -3.26 -17.87 4.15
CA ALA C 98 -2.96 -16.72 5.00
C ALA C 98 -4.03 -15.63 4.84
N TYR C 99 -4.35 -15.31 3.58
CA TYR C 99 -5.37 -14.32 3.29
C TYR C 99 -6.71 -14.66 3.92
N LEU C 100 -7.15 -15.90 3.75
CA LEU C 100 -8.45 -16.32 4.25
C LEU C 100 -8.49 -16.35 5.77
N VAL C 101 -7.38 -16.72 6.41
CA VAL C 101 -7.33 -16.76 7.88
C VAL C 101 -7.40 -15.35 8.46
N GLY C 102 -6.65 -14.43 7.86
CA GLY C 102 -6.74 -13.02 8.24
C GLY C 102 -8.15 -12.46 8.07
N LEU C 103 -8.74 -12.69 6.90
CA LEU C 103 -10.10 -12.23 6.64
C LEU C 103 -11.07 -12.82 7.64
N PHE C 104 -10.85 -14.08 8.05
CA PHE C 104 -11.71 -14.69 9.05
C PHE C 104 -11.54 -14.00 10.40
N GLU C 105 -10.34 -13.54 10.71
CA GLU C 105 -10.14 -12.75 11.93
C GLU C 105 -11.00 -11.47 11.89
N ASP C 106 -10.82 -10.67 10.85
CA ASP C 106 -11.57 -9.40 10.76
C ASP C 106 -13.09 -9.64 10.73
N THR C 107 -13.48 -10.73 10.08
CA THR C 107 -14.88 -11.12 9.99
C THR C 107 -15.43 -11.43 11.38
N ASN C 108 -14.64 -12.18 12.15
CA ASN C 108 -15.04 -12.53 13.50
C ASN C 108 -15.19 -11.28 14.34
N LEU C 109 -14.26 -10.33 14.18
CA LEU C 109 -14.38 -9.06 14.87
C LEU C 109 -15.68 -8.34 14.51
N CYS C 110 -16.06 -8.37 13.23
CA CYS C 110 -17.32 -7.75 12.84
C CYS C 110 -18.54 -8.44 13.45
N ALA C 111 -18.52 -9.78 13.51
CA ALA C 111 -19.63 -10.51 14.13
C ALA C 111 -19.74 -10.21 15.62
N ILE C 112 -18.60 -10.12 16.31
CA ILE C 112 -18.59 -9.81 17.73
C ILE C 112 -19.04 -8.36 17.93
N HIS C 113 -18.76 -7.51 16.95
CA HIS C 113 -19.15 -6.12 17.03
C HIS C 113 -20.67 -5.99 17.05
N ALA C 114 -21.34 -6.93 16.38
CA ALA C 114 -22.78 -6.92 16.25
C ALA C 114 -23.44 -7.74 17.35
N LYS C 115 -22.70 -7.93 18.45
CA LYS C 115 -23.17 -8.69 19.60
C LYS C 115 -23.57 -10.11 19.19
N ARG C 116 -22.82 -10.67 18.24
CA ARG C 116 -23.02 -12.04 17.80
C ARG C 116 -21.76 -12.86 18.02
N VAL C 117 -21.89 -14.16 17.83
CA VAL C 117 -20.80 -15.10 18.05
C VAL C 117 -20.62 -15.91 16.77
N THR C 118 -21.64 -15.85 15.92
CA THR C 118 -21.66 -16.51 14.61
C THR C 118 -21.24 -15.56 13.51
N ILE C 119 -20.22 -15.93 12.73
CA ILE C 119 -19.86 -15.11 11.56
C ILE C 119 -20.84 -15.35 10.42
N MET C 120 -21.17 -14.28 9.70
CA MET C 120 -22.14 -14.35 8.62
C MET C 120 -21.56 -13.70 7.37
N PRO C 121 -22.16 -13.96 6.19
CA PRO C 121 -21.65 -13.31 4.98
C PRO C 121 -21.59 -11.80 5.15
N LYS C 122 -22.61 -11.27 5.82
CA LYS C 122 -22.69 -9.87 6.20
C LYS C 122 -21.38 -9.35 6.81
N ASP C 123 -20.81 -10.15 7.69
CA ASP C 123 -19.56 -9.83 8.37
C ASP C 123 -18.38 -9.78 7.39
N ILE C 124 -18.27 -10.79 6.54
CA ILE C 124 -17.20 -10.82 5.53
C ILE C 124 -17.32 -9.63 4.61
N GLN C 125 -18.54 -9.28 4.26
CA GLN C 125 -18.81 -8.12 3.41
C GLN C 125 -18.28 -6.86 4.08
N LEU C 126 -18.70 -6.61 5.32
CA LEU C 126 -18.24 -5.42 6.04
C LEU C 126 -16.72 -5.34 6.13
N ALA C 127 -16.10 -6.43 6.56
CA ALA C 127 -14.64 -6.51 6.59
C ALA C 127 -14.01 -6.15 5.25
N ARG C 128 -14.51 -6.72 4.16
CA ARG C 128 -13.89 -6.51 2.86
C ARG C 128 -14.13 -5.10 2.33
N ARG C 129 -15.25 -4.49 2.71
CA ARG C 129 -15.51 -3.10 2.34
C ARG C 129 -14.52 -2.19 3.04
N ILE C 130 -14.35 -2.41 4.34
CA ILE C 130 -13.46 -1.56 5.11
C ILE C 130 -11.99 -1.80 4.75
N ARG C 131 -11.68 -3.02 4.29
CA ARG C 131 -10.33 -3.34 3.84
C ARG C 131 -9.96 -2.61 2.55
N GLY C 132 -10.97 -2.13 1.84
CA GLY C 132 -10.74 -1.45 0.56
C GLY C 132 -10.81 -2.39 -0.62
N GLU C 133 -11.21 -3.64 -0.37
CA GLU C 133 -11.37 -4.61 -1.44
C GLU C 133 -12.74 -4.43 -2.11
N ARG C 134 -13.56 -3.56 -1.52
CA ARG C 134 -14.88 -3.20 -2.04
C ARG C 134 -15.27 -1.76 -1.68
N ALA C 135 -15.91 -1.07 -2.63
CA ALA C 135 -16.65 0.19 -2.38
C ALA C 135 -15.98 1.23 -1.44
N LEU D 22 -18.57 -35.99 -11.19
CA LEU D 22 -18.46 -34.62 -11.67
C LEU D 22 -18.92 -33.62 -10.61
N ARG D 23 -18.02 -32.71 -10.27
CA ARG D 23 -18.34 -31.58 -9.41
C ARG D 23 -17.44 -30.42 -9.79
N ASP D 24 -17.86 -29.19 -9.47
CA ASP D 24 -17.06 -28.03 -9.83
C ASP D 24 -15.80 -27.97 -8.95
N ASN D 25 -14.75 -27.34 -9.48
CA ASN D 25 -13.46 -27.32 -8.81
C ASN D 25 -13.46 -26.48 -7.54
N ILE D 26 -14.14 -25.34 -7.58
CA ILE D 26 -14.25 -24.47 -6.40
C ILE D 26 -15.03 -25.18 -5.30
N GLN D 27 -15.91 -26.10 -5.70
CA GLN D 27 -16.66 -26.90 -4.74
C GLN D 27 -15.74 -27.95 -4.15
N GLY D 28 -14.60 -28.15 -4.81
CA GLY D 28 -13.56 -29.03 -4.29
C GLY D 28 -12.92 -28.42 -3.06
N ILE D 29 -13.07 -27.11 -2.92
CA ILE D 29 -12.72 -26.42 -1.69
C ILE D 29 -13.86 -26.66 -0.70
N THR D 30 -13.70 -27.68 0.13
CA THR D 30 -14.82 -28.25 0.87
C THR D 30 -15.21 -27.45 2.12
N LYS D 31 -16.39 -27.75 2.63
CA LYS D 31 -16.88 -27.14 3.87
C LYS D 31 -15.96 -27.35 5.07
N PRO D 32 -15.51 -28.60 5.32
CA PRO D 32 -14.66 -28.74 6.52
C PRO D 32 -13.31 -28.03 6.41
N ALA D 33 -12.78 -27.87 5.20
CA ALA D 33 -11.51 -27.17 5.03
C ALA D 33 -11.67 -25.69 5.33
N ILE D 34 -12.73 -25.11 4.80
CA ILE D 34 -13.12 -23.73 5.11
C ILE D 34 -13.32 -23.57 6.60
N ARG D 35 -13.96 -24.57 7.22
CA ARG D 35 -14.16 -24.58 8.65
C ARG D 35 -12.83 -24.55 9.39
N ARG D 36 -11.87 -25.37 8.97
CA ARG D 36 -10.54 -25.40 9.60
C ARG D 36 -9.85 -24.04 9.50
N LEU D 37 -9.92 -23.44 8.31
CA LEU D 37 -9.35 -22.10 8.11
C LEU D 37 -9.98 -21.09 9.05
N ALA D 38 -11.30 -21.15 9.19
CA ALA D 38 -12.02 -20.27 10.11
C ALA D 38 -11.52 -20.48 11.53
N ARG D 39 -11.31 -21.75 11.89
CA ARG D 39 -10.83 -22.11 13.21
C ARG D 39 -9.47 -21.46 13.48
N ARG D 40 -8.58 -21.49 12.50
CA ARG D 40 -7.28 -20.85 12.69
C ARG D 40 -7.46 -19.32 12.87
N GLY D 41 -8.56 -18.79 12.35
CA GLY D 41 -8.85 -17.37 12.45
C GLY D 41 -9.62 -17.01 13.71
N GLY D 42 -9.90 -18.01 14.54
CA GLY D 42 -10.54 -17.79 15.82
C GLY D 42 -12.06 -17.87 15.82
N VAL D 43 -12.66 -18.35 14.74
CA VAL D 43 -14.11 -18.38 14.65
C VAL D 43 -14.70 -19.60 15.37
N LYS D 44 -15.68 -19.34 16.23
CA LYS D 44 -16.27 -20.38 17.07
C LYS D 44 -17.53 -20.98 16.45
N ARG D 45 -18.33 -20.13 15.81
CA ARG D 45 -19.61 -20.55 15.25
C ARG D 45 -19.79 -20.00 13.84
N ILE D 46 -20.25 -20.85 12.92
CA ILE D 46 -20.27 -20.51 11.50
C ILE D 46 -21.64 -20.68 10.84
N SER D 47 -22.21 -19.58 10.35
CA SER D 47 -23.45 -19.61 9.60
C SER D 47 -23.35 -20.48 8.35
N GLY D 48 -24.43 -21.19 8.03
CA GLY D 48 -24.43 -22.09 6.89
C GLY D 48 -24.20 -21.44 5.54
N LEU D 49 -24.34 -20.12 5.47
CA LEU D 49 -24.17 -19.41 4.20
C LEU D 49 -22.74 -18.92 4.00
N ILE D 50 -21.89 -19.18 4.98
CA ILE D 50 -20.50 -18.70 4.95
C ILE D 50 -19.67 -19.39 3.87
N TYR D 51 -19.95 -20.67 3.62
CA TYR D 51 -19.06 -21.46 2.78
C TYR D 51 -19.08 -21.02 1.31
N GLU D 52 -20.26 -20.73 0.77
CA GLU D 52 -20.37 -20.24 -0.60
C GLU D 52 -19.72 -18.86 -0.73
N GLU D 53 -20.02 -18.00 0.23
CA GLU D 53 -19.41 -16.67 0.30
C GLU D 53 -17.88 -16.75 0.24
N THR D 54 -17.36 -17.65 1.08
CA THR D 54 -15.92 -17.86 1.20
C THR D 54 -15.35 -18.33 -0.11
N ARG D 55 -16.05 -19.26 -0.77
CA ARG D 55 -15.59 -19.76 -2.05
C ARG D 55 -15.51 -18.62 -3.07
N GLY D 56 -16.50 -17.74 -3.03
CA GLY D 56 -16.51 -16.58 -3.91
C GLY D 56 -15.29 -15.70 -3.70
N VAL D 57 -15.08 -15.29 -2.46
CA VAL D 57 -13.96 -14.42 -2.13
C VAL D 57 -12.63 -15.07 -2.56
N LEU D 58 -12.50 -16.34 -2.24
CA LEU D 58 -11.33 -17.14 -2.60
C LEU D 58 -11.07 -17.14 -4.10
N LYS D 59 -12.15 -17.30 -4.87
CA LYS D 59 -12.05 -17.27 -6.32
C LYS D 59 -11.58 -15.91 -6.82
N VAL D 60 -12.12 -14.82 -6.27
CA VAL D 60 -11.66 -13.48 -6.66
C VAL D 60 -10.16 -13.29 -6.38
N PHE D 61 -9.74 -13.66 -5.17
CA PHE D 61 -8.33 -13.58 -4.79
C PHE D 61 -7.44 -14.32 -5.78
N LEU D 62 -7.77 -15.58 -6.03
CA LEU D 62 -6.98 -16.41 -6.94
C LEU D 62 -6.98 -15.88 -8.37
N GLU D 63 -8.14 -15.41 -8.83
CA GLU D 63 -8.21 -14.79 -10.16
C GLU D 63 -7.23 -13.64 -10.26
N ASN D 64 -7.27 -12.72 -9.30
CA ASN D 64 -6.39 -11.54 -9.34
C ASN D 64 -4.91 -11.92 -9.36
N VAL D 65 -4.53 -12.76 -8.40
CA VAL D 65 -3.14 -13.15 -8.26
C VAL D 65 -2.66 -13.88 -9.51
N ILE D 66 -3.39 -14.91 -9.92
CA ILE D 66 -2.99 -15.72 -11.06
C ILE D 66 -2.93 -14.89 -12.33
N ARG D 67 -3.89 -14.00 -12.53
CA ARG D 67 -3.86 -13.10 -13.68
C ARG D 67 -2.55 -12.33 -13.73
N ASP D 68 -2.17 -11.69 -12.61
CA ASP D 68 -0.91 -10.96 -12.59
C ASP D 68 0.31 -11.87 -12.88
N ALA D 69 0.33 -13.03 -12.22
CA ALA D 69 1.43 -13.98 -12.33
C ALA D 69 1.64 -14.46 -13.76
N VAL D 70 0.56 -14.91 -14.37
CA VAL D 70 0.56 -15.32 -15.77
C VAL D 70 0.99 -14.15 -16.67
N THR D 71 0.62 -12.93 -16.32
CA THR D 71 1.12 -11.79 -17.11
C THR D 71 2.64 -11.72 -17.06
N TYR D 72 3.21 -11.92 -15.87
CA TYR D 72 4.67 -12.02 -15.76
C TYR D 72 5.23 -13.15 -16.62
N THR D 73 4.56 -14.30 -16.58
CA THR D 73 4.96 -15.46 -17.38
C THR D 73 5.03 -15.11 -18.87
N GLU D 74 3.93 -14.62 -19.42
CA GLU D 74 3.86 -14.18 -20.81
C GLU D 74 4.99 -13.22 -21.15
N HIS D 75 5.26 -12.27 -20.25
CA HIS D 75 6.33 -11.32 -20.55
C HIS D 75 7.68 -12.04 -20.63
N ALA D 76 7.84 -13.08 -19.80
CA ALA D 76 9.09 -13.84 -19.79
C ALA D 76 9.14 -14.88 -20.92
N LYS D 77 8.17 -14.82 -21.83
CA LYS D 77 8.07 -15.76 -22.95
C LYS D 77 8.15 -17.23 -22.50
N ARG D 78 7.61 -17.50 -21.31
CA ARG D 78 7.64 -18.85 -20.76
C ARG D 78 6.26 -19.50 -20.86
N LYS D 79 6.20 -20.79 -20.53
CA LYS D 79 4.93 -21.51 -20.50
C LYS D 79 4.74 -22.13 -19.13
N THR D 80 5.71 -21.89 -18.26
CA THR D 80 5.68 -22.42 -16.91
C THR D 80 5.61 -21.29 -15.89
N VAL D 81 4.50 -21.23 -15.17
CA VAL D 81 4.35 -20.25 -14.11
C VAL D 81 5.31 -20.61 -12.98
N THR D 82 6.33 -19.78 -12.77
CA THR D 82 7.32 -20.03 -11.74
C THR D 82 6.90 -19.43 -10.40
N ALA D 83 7.52 -19.89 -9.32
CA ALA D 83 7.19 -19.38 -7.99
C ALA D 83 7.50 -17.90 -7.90
N MET D 84 8.54 -17.46 -8.60
CA MET D 84 8.89 -16.04 -8.61
C MET D 84 7.79 -15.20 -9.26
N ASP D 85 7.15 -15.73 -10.30
CA ASP D 85 6.04 -15.03 -10.94
C ASP D 85 4.94 -14.77 -9.90
N VAL D 86 4.62 -15.80 -9.14
CA VAL D 86 3.61 -15.71 -8.10
C VAL D 86 4.03 -14.72 -7.00
N VAL D 87 5.29 -14.76 -6.59
CA VAL D 87 5.81 -13.87 -5.57
C VAL D 87 5.74 -12.40 -6.03
N TYR D 88 6.11 -12.15 -7.28
CA TYR D 88 6.07 -10.81 -7.87
C TYR D 88 4.63 -10.31 -7.98
N ALA D 89 3.72 -11.21 -8.34
CA ALA D 89 2.31 -10.86 -8.46
C ALA D 89 1.74 -10.51 -7.10
N LEU D 90 2.10 -11.30 -6.10
CA LEU D 90 1.68 -11.07 -4.74
C LEU D 90 2.23 -9.74 -4.21
N LYS D 91 3.45 -9.39 -4.61
CA LYS D 91 4.03 -8.12 -4.19
C LYS D 91 3.28 -6.98 -4.88
N ARG D 92 2.83 -7.20 -6.10
CA ARG D 92 2.00 -6.19 -6.77
C ARG D 92 0.69 -5.93 -6.02
N GLN D 93 0.08 -6.99 -5.50
CA GLN D 93 -1.21 -6.88 -4.81
C GLN D 93 -1.04 -6.46 -3.35
N GLY D 94 0.17 -6.05 -2.98
CA GLY D 94 0.47 -5.67 -1.61
C GLY D 94 0.37 -6.83 -0.63
N ARG D 95 0.72 -8.04 -1.07
CA ARG D 95 0.68 -9.21 -0.21
C ARG D 95 1.98 -9.99 -0.25
N THR D 96 3.08 -9.31 0.05
CA THR D 96 4.42 -9.88 0.02
C THR D 96 4.53 -11.23 0.72
N LEU D 97 5.01 -12.24 0.00
CA LEU D 97 5.25 -13.57 0.57
C LEU D 97 6.74 -13.82 0.76
N TYR D 98 7.11 -14.29 1.95
CA TYR D 98 8.49 -14.70 2.23
C TYR D 98 8.62 -16.21 2.11
N GLY D 99 9.69 -16.68 1.48
CA GLY D 99 10.01 -18.09 1.50
C GLY D 99 10.03 -18.84 0.17
N PHE D 100 9.78 -18.13 -0.93
CA PHE D 100 9.76 -18.82 -2.22
C PHE D 100 10.67 -18.16 -3.26
N GLY D 101 11.90 -17.87 -2.87
CA GLY D 101 12.91 -17.44 -3.82
C GLY D 101 13.18 -15.94 -3.79
N GLY D 102 12.32 -15.21 -3.10
CA GLY D 102 12.47 -13.76 -3.00
C GLY D 102 11.54 -13.17 -1.95
N VAL E 14 12.81 19.02 -40.07
CA VAL E 14 12.53 18.80 -38.65
C VAL E 14 11.13 18.26 -38.45
N LYS E 15 11.03 17.08 -37.83
CA LYS E 15 9.75 16.44 -37.63
C LYS E 15 9.60 15.99 -36.18
N SER E 16 8.67 16.62 -35.46
CA SER E 16 8.34 16.21 -34.10
C SER E 16 8.01 14.72 -34.03
N ARG E 17 8.58 14.04 -33.05
CA ARG E 17 8.32 12.61 -32.87
C ARG E 17 6.86 12.38 -32.47
N SER E 18 6.30 13.33 -31.72
CA SER E 18 4.89 13.31 -31.39
C SER E 18 4.07 13.29 -32.68
N SER E 19 4.38 14.22 -33.58
CA SER E 19 3.73 14.28 -34.88
C SER E 19 3.83 12.94 -35.61
N ARG E 20 5.03 12.39 -35.67
CA ARG E 20 5.27 11.12 -36.33
C ARG E 20 4.48 9.99 -35.68
N ALA E 21 4.11 10.16 -34.41
CA ALA E 21 3.33 9.14 -33.71
C ALA E 21 1.85 9.48 -33.70
N GLY E 22 1.51 10.67 -34.17
CA GLY E 22 0.13 11.12 -34.20
C GLY E 22 -0.39 11.41 -32.82
N LEU E 23 0.46 12.06 -32.01
CA LEU E 23 0.15 12.30 -30.60
C LEU E 23 0.24 13.78 -30.22
N GLN E 24 -0.57 14.17 -29.23
CA GLN E 24 -0.49 15.52 -28.69
C GLN E 24 0.56 15.56 -27.58
N PHE E 25 0.66 14.48 -26.81
CA PHE E 25 1.61 14.41 -25.70
C PHE E 25 3.05 14.36 -26.22
N PRO E 26 3.99 14.99 -25.48
CA PRO E 26 5.36 15.18 -25.95
C PRO E 26 6.22 13.94 -25.84
N VAL E 27 6.41 13.24 -26.95
CA VAL E 27 7.18 11.99 -26.98
C VAL E 27 8.63 12.22 -26.52
N GLY E 28 9.24 13.31 -26.96
CA GLY E 28 10.62 13.61 -26.60
C GLY E 28 10.81 13.89 -25.11
N ARG E 29 9.90 14.65 -24.54
CA ARG E 29 9.94 14.93 -23.11
C ARG E 29 9.80 13.63 -22.33
N VAL E 30 8.82 12.80 -22.69
CA VAL E 30 8.61 11.52 -22.03
C VAL E 30 9.85 10.65 -22.12
N HIS E 31 10.51 10.63 -23.28
CA HIS E 31 11.77 9.88 -23.41
C HIS E 31 12.82 10.41 -22.43
N ARG E 32 12.93 11.73 -22.35
CA ARG E 32 13.90 12.34 -21.44
C ARG E 32 13.63 11.95 -19.98
N LEU E 33 12.36 12.02 -19.58
CA LEU E 33 11.98 11.69 -18.21
C LEU E 33 12.29 10.21 -17.92
N LEU E 34 12.07 9.37 -18.92
CA LEU E 34 12.43 7.95 -18.79
C LEU E 34 13.93 7.80 -18.55
N ARG E 35 14.73 8.51 -19.34
CA ARG E 35 16.19 8.47 -19.16
C ARG E 35 16.62 8.97 -17.79
N GLN E 36 15.96 10.00 -17.28
CA GLN E 36 16.36 10.64 -16.02
C GLN E 36 15.70 10.03 -14.78
N GLY E 37 14.87 9.02 -14.96
CA GLY E 37 14.15 8.46 -13.83
C GLY E 37 14.77 7.25 -13.17
N ASN E 38 15.92 6.83 -13.67
CA ASN E 38 16.59 5.63 -13.16
C ASN E 38 15.68 4.41 -13.20
N TYR E 39 15.24 4.04 -14.39
CA TYR E 39 14.38 2.88 -14.54
C TYR E 39 15.13 1.74 -15.22
N ALA E 40 16.07 2.10 -16.08
CA ALA E 40 16.87 1.13 -16.79
C ALA E 40 18.10 1.79 -17.40
N GLN E 41 19.08 0.98 -17.77
CA GLN E 41 20.30 1.51 -18.37
C GLN E 41 19.99 2.22 -19.69
N ARG E 42 19.25 1.55 -20.57
CA ARG E 42 18.88 2.14 -21.85
C ARG E 42 17.37 2.13 -22.09
N ILE E 43 16.89 3.08 -22.87
CA ILE E 43 15.47 3.18 -23.17
C ILE E 43 15.19 3.04 -24.66
N GLY E 44 14.44 2.01 -25.02
CA GLY E 44 14.03 1.79 -26.40
C GLY E 44 13.25 2.96 -26.98
N ALA E 45 13.37 3.16 -28.28
CA ALA E 45 12.76 4.29 -28.96
C ALA E 45 11.23 4.23 -28.96
N GLY E 46 10.69 3.02 -28.88
CA GLY E 46 9.25 2.85 -28.88
C GLY E 46 8.60 3.10 -27.53
N ALA E 47 9.36 2.88 -26.46
CA ALA E 47 8.82 3.03 -25.11
C ALA E 47 8.23 4.43 -24.86
N PRO E 48 8.99 5.51 -25.13
CA PRO E 48 8.36 6.81 -24.85
C PRO E 48 7.14 7.09 -25.73
N VAL E 49 7.13 6.56 -26.94
CA VAL E 49 5.99 6.69 -27.85
C VAL E 49 4.77 6.04 -27.21
N TYR E 50 4.93 4.79 -26.80
CA TYR E 50 3.87 4.00 -26.20
C TYR E 50 3.36 4.63 -24.91
N LEU E 51 4.29 5.06 -24.06
CA LEU E 51 3.94 5.62 -22.76
C LEU E 51 3.20 6.93 -22.93
N ALA E 52 3.73 7.82 -23.78
CA ALA E 52 3.06 9.09 -24.02
C ALA E 52 1.67 8.87 -24.62
N ALA E 53 1.54 7.87 -25.51
CA ALA E 53 0.24 7.52 -26.06
C ALA E 53 -0.75 7.12 -24.97
N VAL E 54 -0.32 6.23 -24.07
CA VAL E 54 -1.18 5.78 -22.99
C VAL E 54 -1.57 6.94 -22.06
N LEU E 55 -0.61 7.81 -21.77
CA LEU E 55 -0.84 8.94 -20.89
C LEU E 55 -1.88 9.85 -21.49
N GLU E 56 -1.72 10.13 -22.78
CA GLU E 56 -2.66 10.96 -23.52
C GLU E 56 -4.05 10.35 -23.54
N TYR E 57 -4.14 9.04 -23.75
CA TYR E 57 -5.43 8.36 -23.76
C TYR E 57 -6.14 8.48 -22.42
N LEU E 58 -5.43 8.17 -21.33
CA LEU E 58 -6.02 8.26 -19.99
C LEU E 58 -6.45 9.69 -19.67
N THR E 59 -5.60 10.64 -20.02
CA THR E 59 -5.94 12.05 -19.89
C THR E 59 -7.27 12.33 -20.59
N ALA E 60 -7.40 11.82 -21.81
CA ALA E 60 -8.60 12.04 -22.61
C ALA E 60 -9.84 11.44 -21.96
N GLU E 61 -9.70 10.24 -21.41
CA GLU E 61 -10.79 9.58 -20.72
C GLU E 61 -11.28 10.36 -19.48
N VAL E 62 -10.37 10.75 -18.57
CA VAL E 62 -10.89 11.43 -17.40
C VAL E 62 -11.36 12.84 -17.77
N LEU E 63 -10.76 13.45 -18.79
CA LEU E 63 -11.25 14.76 -19.22
C LEU E 63 -12.63 14.66 -19.86
N GLU E 64 -12.89 13.56 -20.57
CA GLU E 64 -14.21 13.31 -21.12
C GLU E 64 -15.25 13.21 -20.03
N LEU E 65 -15.03 12.31 -19.07
CA LEU E 65 -16.00 12.15 -17.98
C LEU E 65 -16.16 13.41 -17.11
N ALA E 66 -15.07 14.13 -16.89
CA ALA E 66 -15.10 15.35 -16.10
C ALA E 66 -15.88 16.44 -16.83
N GLY E 67 -15.59 16.61 -18.12
CA GLY E 67 -16.36 17.50 -18.97
C GLY E 67 -17.85 17.20 -18.90
N ASN E 68 -18.19 15.91 -18.84
CA ASN E 68 -19.59 15.54 -18.66
C ASN E 68 -20.11 16.06 -17.33
N ALA E 69 -19.31 15.92 -16.27
CA ALA E 69 -19.74 16.36 -14.94
C ALA E 69 -19.96 17.87 -14.92
N ALA E 70 -19.09 18.59 -15.62
CA ALA E 70 -19.20 20.03 -15.71
C ALA E 70 -20.51 20.39 -16.39
N ARG E 71 -20.77 19.78 -17.54
CA ARG E 71 -22.02 20.06 -18.27
C ARG E 71 -23.26 19.75 -17.43
N ASP E 72 -23.25 18.62 -16.74
CA ASP E 72 -24.36 18.26 -15.85
C ASP E 72 -24.61 19.31 -14.75
N ASN E 73 -23.55 20.00 -14.34
CA ASN E 73 -23.66 21.01 -13.28
C ASN E 73 -23.77 22.45 -13.81
N LYS E 74 -24.16 22.58 -15.08
CA LYS E 74 -24.35 23.89 -15.72
C LYS E 74 -23.04 24.71 -15.77
N LYS E 75 -21.90 24.04 -15.75
CA LYS E 75 -20.61 24.73 -15.68
C LYS E 75 -19.82 24.60 -16.97
N THR E 76 -19.21 25.71 -17.39
CA THR E 76 -18.36 25.71 -18.56
C THR E 76 -16.97 25.18 -18.19
N ARG E 77 -16.53 25.51 -16.99
CA ARG E 77 -15.17 25.21 -16.59
C ARG E 77 -15.08 24.04 -15.60
N ILE E 78 -14.27 23.05 -15.96
CA ILE E 78 -14.02 21.89 -15.11
C ILE E 78 -13.29 22.29 -13.83
N THR E 79 -13.81 21.83 -12.70
CA THR E 79 -13.22 22.06 -11.39
C THR E 79 -12.74 20.73 -10.80
N PRO E 80 -11.99 20.78 -9.68
CA PRO E 80 -11.66 19.56 -8.95
C PRO E 80 -12.90 18.73 -8.58
N ARG E 81 -14.02 19.41 -8.32
CA ARG E 81 -15.27 18.72 -8.00
C ARG E 81 -15.74 17.84 -9.15
N HIS E 82 -15.72 18.40 -10.36
CA HIS E 82 -16.13 17.66 -11.55
C HIS E 82 -15.24 16.47 -11.78
N LEU E 83 -13.94 16.64 -11.54
CA LEU E 83 -12.97 15.55 -11.67
C LEU E 83 -13.29 14.44 -10.69
N GLN E 84 -13.56 14.81 -9.44
CA GLN E 84 -13.88 13.83 -8.41
C GLN E 84 -15.13 13.04 -8.77
N LEU E 85 -16.20 13.75 -9.11
CA LEU E 85 -17.45 13.09 -9.52
C LEU E 85 -17.24 12.15 -10.72
N ALA E 86 -16.47 12.61 -11.69
CA ALA E 86 -16.17 11.82 -12.89
C ALA E 86 -15.46 10.52 -12.52
N ILE E 87 -14.47 10.64 -11.66
CA ILE E 87 -13.64 9.50 -11.27
C ILE E 87 -14.41 8.50 -10.37
N ARG E 88 -15.03 9.00 -9.31
CA ARG E 88 -15.71 8.13 -8.35
C ARG E 88 -16.94 7.45 -8.95
N ASN E 89 -17.51 8.04 -9.99
CA ASN E 89 -18.70 7.45 -10.62
C ASN E 89 -18.33 6.44 -11.69
N ASP E 90 -17.05 6.34 -11.99
CA ASP E 90 -16.54 5.40 -12.98
C ASP E 90 -15.77 4.27 -12.32
N GLU E 91 -16.31 3.06 -12.33
CA GLU E 91 -15.70 1.92 -11.64
C GLU E 91 -14.21 1.76 -11.93
N GLU E 92 -13.84 1.87 -13.19
CA GLU E 92 -12.46 1.60 -13.58
C GLU E 92 -11.52 2.69 -13.12
N LEU E 93 -11.87 3.95 -13.38
CA LEU E 93 -11.06 5.06 -12.91
C LEU E 93 -11.07 5.12 -11.38
N ASN E 94 -12.22 4.82 -10.78
CA ASN E 94 -12.28 4.77 -9.33
C ASN E 94 -11.30 3.76 -8.75
N LYS E 95 -11.17 2.62 -9.41
CA LYS E 95 -10.24 1.60 -8.94
C LYS E 95 -8.80 2.00 -9.19
N LEU E 96 -8.54 2.61 -10.35
CA LEU E 96 -7.20 3.03 -10.71
C LEU E 96 -6.68 4.06 -9.71
N LEU E 97 -7.60 4.90 -9.23
CA LEU E 97 -7.27 5.98 -8.32
C LEU E 97 -7.94 5.78 -6.96
N GLY E 98 -8.04 4.52 -6.56
CA GLY E 98 -8.76 4.16 -5.35
C GLY E 98 -8.03 4.52 -4.07
N ARG E 99 -6.79 4.96 -4.20
CA ARG E 99 -6.01 5.38 -3.05
C ARG E 99 -5.39 6.74 -3.31
N VAL E 100 -6.03 7.50 -4.18
CA VAL E 100 -5.62 8.85 -4.50
C VAL E 100 -6.61 9.85 -3.89
N THR E 101 -6.10 10.97 -3.40
CA THR E 101 -6.96 12.01 -2.85
C THR E 101 -6.96 13.22 -3.75
N ILE E 102 -8.15 13.67 -4.12
CA ILE E 102 -8.29 14.81 -5.01
C ILE E 102 -8.65 16.04 -4.19
N ALA E 103 -7.71 16.97 -4.07
CA ALA E 103 -7.90 18.17 -3.29
C ALA E 103 -9.11 18.96 -3.80
N GLN E 104 -9.93 19.43 -2.88
CA GLN E 104 -11.13 20.22 -3.18
C GLN E 104 -12.14 19.44 -4.02
N GLY E 105 -12.10 18.12 -3.93
CA GLY E 105 -12.99 17.27 -4.69
C GLY E 105 -14.26 16.88 -3.98
N GLY E 106 -14.26 16.91 -2.66
CA GLY E 106 -15.43 16.51 -1.89
C GLY E 106 -15.73 15.03 -2.06
N VAL E 107 -16.99 14.65 -1.84
CA VAL E 107 -17.39 13.25 -1.96
C VAL E 107 -18.65 13.09 -2.81
N LEU E 108 -18.97 11.85 -3.18
CA LEU E 108 -20.24 11.58 -3.87
C LEU E 108 -21.37 11.65 -2.87
N PRO E 109 -22.44 12.38 -3.22
CA PRO E 109 -23.66 12.30 -2.40
C PRO E 109 -24.07 10.85 -2.21
N ASN E 110 -24.20 10.43 -0.96
CA ASN E 110 -24.53 9.05 -0.65
C ASN E 110 -25.00 8.94 0.80
N ILE E 111 -26.26 8.55 0.98
CA ILE E 111 -26.83 8.36 2.31
C ILE E 111 -27.35 6.94 2.46
N GLN E 112 -26.80 6.21 3.42
CA GLN E 112 -27.28 4.86 3.72
C GLN E 112 -28.78 4.87 3.93
N ALA E 113 -29.48 3.98 3.23
CA ALA E 113 -30.94 3.94 3.23
C ALA E 113 -31.55 3.91 4.63
N VAL E 114 -30.90 3.19 5.55
CA VAL E 114 -31.43 3.01 6.90
C VAL E 114 -31.46 4.32 7.69
N LEU E 115 -30.87 5.36 7.13
CA LEU E 115 -30.80 6.65 7.81
C LEU E 115 -31.94 7.58 7.42
N LEU E 116 -32.75 7.15 6.46
CA LEU E 116 -33.87 7.94 5.98
C LEU E 116 -35.12 7.72 6.84
N PRO E 117 -36.00 8.74 6.90
CA PRO E 117 -37.28 8.64 7.62
C PRO E 117 -38.20 7.55 7.07
N LYS E 118 -39.05 7.00 7.93
CA LYS E 118 -39.96 5.87 7.60
C LYS E 118 -39.19 4.71 6.96
N ARG F 34 11.63 28.12 -14.06
CA ARG F 34 11.94 27.03 -15.00
C ARG F 34 11.14 25.75 -14.70
N LYS F 35 9.84 25.85 -14.45
CA LYS F 35 9.07 24.66 -14.16
C LYS F 35 8.18 24.26 -15.35
N GLU F 36 8.40 23.04 -15.84
CA GLU F 36 7.62 22.55 -16.96
C GLU F 36 6.52 21.61 -16.49
N SER F 37 5.44 21.54 -17.28
CA SER F 37 4.31 20.69 -16.95
C SER F 37 3.67 20.12 -18.21
N TYR F 38 2.55 19.43 -18.04
CA TYR F 38 1.84 18.85 -19.16
C TYR F 38 0.67 19.72 -19.59
N SER F 39 0.60 20.92 -19.02
CA SER F 39 -0.58 21.77 -19.15
C SER F 39 -1.08 22.00 -20.57
N ILE F 40 -0.18 22.35 -21.49
CA ILE F 40 -0.62 22.67 -22.85
C ILE F 40 -1.14 21.42 -23.58
N TYR F 41 -0.53 20.28 -23.28
CA TYR F 41 -0.95 19.01 -23.87
C TYR F 41 -2.32 18.59 -23.32
N ILE F 42 -2.48 18.76 -22.01
CA ILE F 42 -3.74 18.48 -21.37
C ILE F 42 -4.81 19.36 -21.98
N TYR F 43 -4.49 20.64 -22.17
CA TYR F 43 -5.46 21.58 -22.71
C TYR F 43 -5.84 21.20 -24.14
N LYS F 44 -4.83 20.80 -24.92
CA LYS F 44 -5.07 20.32 -26.27
C LYS F 44 -6.08 19.18 -26.28
N VAL F 45 -5.84 18.18 -25.44
CA VAL F 45 -6.75 17.05 -25.37
C VAL F 45 -8.14 17.47 -24.88
N LEU F 46 -8.17 18.41 -23.96
CA LEU F 46 -9.42 18.95 -23.44
C LEU F 46 -10.25 19.51 -24.59
N LYS F 47 -9.62 20.36 -25.41
CA LYS F 47 -10.30 20.96 -26.56
C LYS F 47 -10.74 19.90 -27.54
N GLN F 48 -9.95 18.82 -27.66
CA GLN F 48 -10.31 17.72 -28.54
C GLN F 48 -11.58 17.00 -28.12
N VAL F 49 -11.72 16.69 -26.83
CA VAL F 49 -12.91 15.95 -26.39
C VAL F 49 -14.08 16.87 -26.06
N HIS F 50 -13.78 18.13 -25.75
CA HIS F 50 -14.81 19.06 -25.25
C HIS F 50 -14.49 20.49 -25.65
N PRO F 51 -14.80 20.84 -26.91
CA PRO F 51 -14.29 22.08 -27.54
C PRO F 51 -14.72 23.36 -26.84
N ASP F 52 -15.83 23.33 -26.12
CA ASP F 52 -16.36 24.54 -25.49
C ASP F 52 -16.25 24.49 -23.97
N THR F 53 -15.36 23.63 -23.47
CA THR F 53 -15.17 23.45 -22.04
C THR F 53 -13.78 23.89 -21.63
N GLY F 54 -13.70 24.67 -20.55
CA GLY F 54 -12.41 25.12 -20.06
C GLY F 54 -12.03 24.39 -18.78
N ILE F 55 -10.84 24.68 -18.26
CA ILE F 55 -10.42 24.03 -17.03
C ILE F 55 -9.75 25.04 -16.10
N SER F 56 -10.14 24.99 -14.82
CA SER F 56 -9.57 25.87 -13.81
C SER F 56 -8.17 25.42 -13.45
N SER F 57 -7.36 26.34 -12.92
CA SER F 57 -5.97 26.03 -12.64
C SER F 57 -5.80 24.96 -11.57
N LYS F 58 -6.71 24.92 -10.61
CA LYS F 58 -6.65 23.89 -9.58
C LYS F 58 -6.89 22.52 -10.20
N ALA F 59 -7.87 22.48 -11.11
CA ALA F 59 -8.22 21.25 -11.81
C ALA F 59 -7.10 20.82 -12.75
N MET F 60 -6.46 21.79 -13.38
CA MET F 60 -5.33 21.51 -14.26
C MET F 60 -4.14 21.00 -13.46
N SER F 61 -4.00 21.50 -12.23
CA SER F 61 -2.94 21.04 -11.34
C SER F 61 -3.18 19.57 -10.99
N ILE F 62 -4.40 19.27 -10.56
CA ILE F 62 -4.78 17.88 -10.35
C ILE F 62 -4.52 16.98 -11.58
N MET F 63 -4.83 17.47 -12.78
CA MET F 63 -4.54 16.72 -13.98
C MET F 63 -3.04 16.45 -14.14
N ASN F 64 -2.23 17.47 -13.84
CA ASN F 64 -0.78 17.32 -13.90
C ASN F 64 -0.26 16.26 -12.93
N SER F 65 -0.79 16.28 -11.70
CA SER F 65 -0.49 15.24 -10.73
C SER F 65 -0.86 13.87 -11.29
N PHE F 66 -2.05 13.78 -11.89
CA PHE F 66 -2.54 12.51 -12.45
C PHE F 66 -1.58 11.93 -13.49
N VAL F 67 -1.17 12.78 -14.42
CA VAL F 67 -0.27 12.34 -15.49
C VAL F 67 1.08 11.91 -14.91
N THR F 68 1.63 12.69 -13.98
CA THR F 68 2.92 12.33 -13.39
C THR F 68 2.83 11.02 -12.60
N ASP F 69 1.72 10.85 -11.88
CA ASP F 69 1.47 9.63 -11.14
C ASP F 69 1.46 8.40 -12.06
N ILE F 70 0.55 8.39 -13.03
CA ILE F 70 0.45 7.27 -13.96
C ILE F 70 1.77 7.00 -14.68
N PHE F 71 2.44 8.08 -15.07
CA PHE F 71 3.79 7.97 -15.61
C PHE F 71 4.67 7.15 -14.68
N GLU F 72 4.71 7.53 -13.40
CA GLU F 72 5.61 6.90 -12.44
C GLU F 72 5.25 5.44 -12.19
N ARG F 73 3.97 5.14 -12.04
CA ARG F 73 3.54 3.76 -11.85
C ARG F 73 3.96 2.89 -13.02
N ILE F 74 3.66 3.33 -14.24
CA ILE F 74 3.98 2.54 -15.43
C ILE F 74 5.50 2.37 -15.60
N ALA F 75 6.25 3.46 -15.41
CA ALA F 75 7.69 3.41 -15.58
C ALA F 75 8.37 2.54 -14.51
N SER F 76 7.85 2.60 -13.29
CA SER F 76 8.38 1.77 -12.22
C SER F 76 8.13 0.30 -12.51
N GLU F 77 6.88 -0.02 -12.87
CA GLU F 77 6.53 -1.39 -13.20
C GLU F 77 7.38 -1.91 -14.35
N ALA F 78 7.63 -1.03 -15.32
CA ALA F 78 8.44 -1.39 -16.48
C ALA F 78 9.86 -1.69 -16.06
N SER F 79 10.39 -0.83 -15.19
CA SER F 79 11.73 -0.99 -14.66
C SER F 79 11.86 -2.35 -14.01
N ARG F 80 10.91 -2.63 -13.13
CA ARG F 80 10.84 -3.89 -12.39
C ARG F 80 10.80 -5.08 -13.32
N LEU F 81 10.01 -4.96 -14.38
CA LEU F 81 9.85 -6.03 -15.36
C LEU F 81 11.12 -6.28 -16.18
N ALA F 82 11.81 -5.21 -16.58
CA ALA F 82 13.09 -5.36 -17.23
C ALA F 82 14.05 -6.08 -16.30
N HIS F 83 14.06 -5.66 -15.04
CA HIS F 83 14.94 -6.25 -14.04
C HIS F 83 14.73 -7.74 -13.88
N TYR F 84 13.49 -8.15 -13.65
CA TYR F 84 13.17 -9.56 -13.41
C TYR F 84 13.69 -10.49 -14.49
N ASN F 85 13.74 -10.00 -15.72
CA ASN F 85 14.16 -10.81 -16.85
C ASN F 85 15.56 -10.47 -17.34
N LYS F 86 16.38 -9.97 -16.42
CA LYS F 86 17.78 -9.66 -16.67
C LYS F 86 17.98 -8.85 -17.95
N ARG F 87 17.02 -7.98 -18.25
CA ARG F 87 17.13 -7.10 -19.41
C ARG F 87 17.55 -5.70 -19.00
N SER F 88 18.28 -5.02 -19.87
CA SER F 88 18.80 -3.70 -19.55
C SER F 88 18.06 -2.60 -20.31
N THR F 89 17.11 -2.99 -21.15
CA THR F 89 16.38 -2.03 -21.97
C THR F 89 14.88 -2.12 -21.76
N ILE F 90 14.25 -0.97 -21.53
CA ILE F 90 12.80 -0.90 -21.45
C ILE F 90 12.24 -0.60 -22.84
N THR F 91 11.65 -1.62 -23.45
CA THR F 91 11.06 -1.44 -24.77
C THR F 91 9.56 -1.18 -24.64
N SER F 92 8.91 -1.00 -25.79
CA SER F 92 7.46 -0.81 -25.82
C SER F 92 6.74 -2.01 -25.22
N ARG F 93 7.36 -3.18 -25.32
CA ARG F 93 6.82 -4.41 -24.75
C ARG F 93 6.71 -4.35 -23.21
N GLU F 94 7.73 -3.79 -22.57
CA GLU F 94 7.69 -3.60 -21.13
C GLU F 94 6.58 -2.64 -20.75
N ILE F 95 6.50 -1.51 -21.43
CA ILE F 95 5.45 -0.52 -21.18
C ILE F 95 4.10 -1.17 -21.31
N GLN F 96 3.96 -2.02 -22.31
CA GLN F 96 2.70 -2.70 -22.56
C GLN F 96 2.32 -3.65 -21.42
N THR F 97 3.23 -4.50 -20.99
CA THR F 97 2.92 -5.42 -19.90
C THR F 97 2.61 -4.63 -18.62
N ALA F 98 3.37 -3.56 -18.39
CA ALA F 98 3.15 -2.71 -17.23
C ALA F 98 1.74 -2.14 -17.25
N VAL F 99 1.33 -1.68 -18.43
CA VAL F 99 -0.01 -1.18 -18.64
C VAL F 99 -1.06 -2.23 -18.31
N ARG F 100 -0.84 -3.46 -18.76
CA ARG F 100 -1.82 -4.53 -18.53
C ARG F 100 -1.89 -4.91 -17.06
N LEU F 101 -0.77 -4.72 -16.35
CA LEU F 101 -0.72 -5.00 -14.91
C LEU F 101 -1.41 -3.92 -14.10
N LEU F 102 -1.18 -2.66 -14.45
CA LEU F 102 -1.65 -1.53 -13.65
C LEU F 102 -3.09 -1.14 -13.92
N LEU F 103 -3.51 -1.14 -15.18
CA LEU F 103 -4.83 -0.63 -15.52
C LEU F 103 -5.91 -1.71 -15.48
N PRO F 104 -7.10 -1.37 -14.97
CA PRO F 104 -8.23 -2.31 -14.97
C PRO F 104 -8.76 -2.57 -16.39
N GLY F 105 -9.40 -3.73 -16.58
CA GLY F 105 -9.78 -4.26 -17.87
C GLY F 105 -9.89 -3.36 -19.08
N GLU F 106 -11.04 -2.71 -19.22
CA GLU F 106 -11.37 -1.96 -20.43
C GLU F 106 -10.38 -0.83 -20.68
N LEU F 107 -10.06 -0.09 -19.63
CA LEU F 107 -9.05 0.97 -19.69
C LEU F 107 -7.75 0.42 -20.27
N ALA F 108 -7.37 -0.76 -19.79
CA ALA F 108 -6.13 -1.38 -20.23
C ALA F 108 -6.21 -1.69 -21.71
N LYS F 109 -7.28 -2.38 -22.13
CA LYS F 109 -7.48 -2.74 -23.53
C LYS F 109 -7.37 -1.54 -24.49
N HIS F 110 -8.07 -0.46 -24.17
CA HIS F 110 -7.99 0.73 -25.00
C HIS F 110 -6.58 1.37 -24.96
N ALA F 111 -5.95 1.39 -23.79
CA ALA F 111 -4.58 1.90 -23.67
C ALA F 111 -3.60 1.13 -24.55
N VAL F 112 -3.68 -0.20 -24.51
CA VAL F 112 -2.87 -1.08 -25.36
C VAL F 112 -3.09 -0.76 -26.83
N SER F 113 -4.35 -0.61 -27.20
CA SER F 113 -4.68 -0.21 -28.57
C SER F 113 -3.93 1.05 -28.99
N GLU F 114 -4.15 2.13 -28.24
CA GLU F 114 -3.53 3.42 -28.53
C GLU F 114 -2.00 3.35 -28.60
N GLY F 115 -1.41 2.59 -27.68
CA GLY F 115 0.03 2.44 -27.64
C GLY F 115 0.57 1.77 -28.88
N THR F 116 -0.05 0.64 -29.24
CA THR F 116 0.35 -0.10 -30.43
C THR F 116 0.25 0.76 -31.68
N LYS F 117 -0.87 1.49 -31.82
CA LYS F 117 -1.07 2.29 -33.01
C LYS F 117 -0.04 3.41 -33.09
N ALA F 118 0.20 4.08 -31.96
CA ALA F 118 1.19 5.13 -31.92
C ALA F 118 2.55 4.58 -32.35
N VAL F 119 2.88 3.39 -31.86
CA VAL F 119 4.19 2.82 -32.14
C VAL F 119 4.33 2.46 -33.62
N THR F 120 3.39 1.71 -34.18
CA THR F 120 3.45 1.36 -35.60
C THR F 120 3.51 2.61 -36.50
N LYS F 121 2.66 3.58 -36.21
CA LYS F 121 2.65 4.82 -36.97
C LYS F 121 4.01 5.50 -36.87
N TYR F 122 4.61 5.46 -35.69
CA TYR F 122 5.92 6.09 -35.50
C TYR F 122 7.03 5.38 -36.27
N THR F 123 6.98 4.05 -36.31
CA THR F 123 8.07 3.29 -36.94
C THR F 123 7.95 3.33 -38.46
N SER F 124 6.76 3.61 -38.98
CA SER F 124 6.60 3.72 -40.43
C SER F 124 7.19 5.02 -41.00
N SER F 125 7.59 5.94 -40.13
CA SER F 125 8.05 7.26 -40.58
C SER F 125 9.57 7.39 -40.63
N LYS F 126 10.03 8.32 -41.47
CA LYS F 126 11.45 8.57 -41.67
C LYS F 126 11.81 10.01 -41.34
N PRO G 38 -44.60 28.35 17.66
CA PRO G 38 -43.34 27.67 17.90
C PRO G 38 -43.12 26.50 16.94
N HIS G 39 -42.09 26.59 16.11
CA HIS G 39 -41.76 25.55 15.15
C HIS G 39 -40.49 24.81 15.54
N ARG G 40 -40.43 23.52 15.21
CA ARG G 40 -39.31 22.68 15.63
C ARG G 40 -39.21 21.39 14.82
N TYR G 41 -38.14 21.29 14.03
CA TYR G 41 -37.87 20.07 13.27
C TYR G 41 -37.56 18.90 14.18
N ARG G 42 -38.11 17.74 13.86
CA ARG G 42 -37.87 16.54 14.65
C ARG G 42 -36.39 16.17 14.57
N PRO G 43 -35.84 15.60 15.65
CA PRO G 43 -34.43 15.20 15.59
C PRO G 43 -34.14 14.22 14.46
N GLY G 44 -33.14 14.57 13.66
CA GLY G 44 -32.69 13.72 12.57
C GLY G 44 -32.86 14.44 11.25
N THR G 45 -33.83 15.34 11.21
CA THR G 45 -34.18 16.05 9.99
C THR G 45 -33.07 17.02 9.61
N VAL G 46 -32.63 17.81 10.58
CA VAL G 46 -31.58 18.78 10.32
C VAL G 46 -30.25 18.06 10.10
N ALA G 47 -30.08 16.90 10.73
CA ALA G 47 -28.89 16.07 10.51
C ALA G 47 -28.78 15.62 9.05
N LEU G 48 -29.86 15.06 8.52
CA LEU G 48 -29.90 14.61 7.12
C LEU G 48 -29.74 15.80 6.19
N ARG G 49 -30.37 16.92 6.56
CA ARG G 49 -30.21 18.15 5.80
C ARG G 49 -28.73 18.54 5.71
N GLU G 50 -28.02 18.39 6.83
CA GLU G 50 -26.62 18.75 6.88
C GLU G 50 -25.76 17.77 6.08
N ILE G 51 -26.11 16.49 6.13
CA ILE G 51 -25.44 15.50 5.30
C ILE G 51 -25.54 15.88 3.82
N ARG G 52 -26.75 16.20 3.37
CA ARG G 52 -26.93 16.59 1.97
C ARG G 52 -26.10 17.85 1.67
N ARG G 53 -26.19 18.82 2.58
CA ARG G 53 -25.47 20.07 2.40
C ARG G 53 -23.97 19.90 2.21
N TYR G 54 -23.34 19.16 3.11
CA TYR G 54 -21.89 19.07 3.07
C TYR G 54 -21.41 18.07 2.03
N GLN G 55 -22.26 17.10 1.67
CA GLN G 55 -21.90 16.22 0.57
C GLN G 55 -22.04 16.93 -0.77
N LYS G 56 -22.78 18.04 -0.82
CA LYS G 56 -22.83 18.83 -2.06
C LYS G 56 -21.60 19.72 -2.24
N SER G 57 -20.99 20.14 -1.15
CA SER G 57 -19.90 21.12 -1.26
C SER G 57 -18.55 20.48 -1.12
N THR G 58 -17.49 21.27 -1.30
CA THR G 58 -16.13 20.76 -1.19
C THR G 58 -15.20 21.57 -0.28
N GLU G 59 -15.73 22.61 0.37
CA GLU G 59 -14.88 23.49 1.16
C GLU G 59 -14.33 22.74 2.35
N LEU G 60 -13.16 23.16 2.85
CA LEU G 60 -12.59 22.57 4.05
C LEU G 60 -13.49 22.90 5.23
N LEU G 61 -13.67 21.94 6.14
CA LEU G 61 -14.65 22.07 7.20
C LEU G 61 -14.05 22.43 8.57
N ILE G 62 -12.74 22.27 8.71
CA ILE G 62 -12.03 22.70 9.92
C ILE G 62 -11.59 24.14 9.69
N ARG G 63 -11.68 24.98 10.72
CA ARG G 63 -11.26 26.37 10.63
C ARG G 63 -9.75 26.45 10.34
N LYS G 64 -9.34 27.38 9.48
CA LYS G 64 -7.97 27.39 8.96
C LYS G 64 -6.92 27.68 10.02
N LEU G 65 -7.05 28.82 10.67
CA LEU G 65 -6.06 29.26 11.66
C LEU G 65 -5.85 28.24 12.79
N PRO G 66 -6.93 27.70 13.39
CA PRO G 66 -6.69 26.67 14.40
C PRO G 66 -5.87 25.49 13.88
N PHE G 67 -6.20 25.01 12.67
CA PHE G 67 -5.47 23.88 12.10
C PHE G 67 -4.01 24.24 11.86
N GLN G 68 -3.77 25.46 11.41
CA GLN G 68 -2.40 25.92 11.21
C GLN G 68 -1.63 25.91 12.53
N ARG G 69 -2.30 26.33 13.61
CA ARG G 69 -1.67 26.32 14.92
C ARG G 69 -1.34 24.90 15.36
N LEU G 70 -2.28 24.00 15.13
CA LEU G 70 -2.06 22.59 15.48
C LEU G 70 -0.85 22.04 14.75
N VAL G 71 -0.75 22.37 13.46
CA VAL G 71 0.37 21.90 12.66
C VAL G 71 1.67 22.44 13.21
N ARG G 72 1.71 23.75 13.49
CA ARG G 72 2.93 24.35 14.01
C ARG G 72 3.32 23.76 15.38
N GLU G 73 2.32 23.41 16.19
CA GLU G 73 2.56 22.77 17.47
C GLU G 73 3.23 21.40 17.31
N ILE G 74 2.59 20.53 16.52
CA ILE G 74 3.14 19.19 16.31
C ILE G 74 4.56 19.26 15.71
N ALA G 75 4.69 20.02 14.63
CA ALA G 75 5.97 20.15 13.95
C ALA G 75 7.03 20.63 14.91
N GLN G 76 6.68 21.64 15.71
CA GLN G 76 7.63 22.22 16.65
C GLN G 76 8.10 21.18 17.63
N ASP G 77 7.17 20.37 18.15
CA ASP G 77 7.56 19.28 19.02
C ASP G 77 8.51 18.30 18.32
N PHE G 78 8.41 18.18 17.00
CA PHE G 78 9.36 17.29 16.32
C PHE G 78 10.68 18.00 15.98
N LYS G 79 10.62 19.30 15.74
CA LYS G 79 11.81 20.06 15.38
C LYS G 79 11.52 21.56 15.48
N THR G 80 12.43 22.30 16.11
CA THR G 80 12.21 23.73 16.31
C THR G 80 12.64 24.54 15.10
N ASP G 81 12.39 25.85 15.16
CA ASP G 81 12.80 26.79 14.13
C ASP G 81 12.27 26.42 12.74
N LEU G 82 11.15 25.72 12.69
CA LEU G 82 10.61 25.28 11.40
C LEU G 82 9.71 26.35 10.77
N ARG G 83 9.81 26.46 9.44
CA ARG G 83 8.94 27.32 8.67
C ARG G 83 8.04 26.52 7.73
N PHE G 84 6.86 27.04 7.44
CA PHE G 84 5.92 26.35 6.56
C PHE G 84 5.49 27.20 5.38
N GLN G 85 5.60 26.65 4.17
CA GLN G 85 4.87 27.19 3.03
C GLN G 85 3.38 27.07 3.32
N SER G 86 2.61 28.11 3.01
CA SER G 86 1.18 28.09 3.28
C SER G 86 0.48 26.94 2.52
N SER G 87 0.99 26.63 1.32
CA SER G 87 0.42 25.55 0.54
C SER G 87 0.71 24.20 1.16
N ALA G 88 1.76 24.11 1.97
CA ALA G 88 2.07 22.88 2.67
C ALA G 88 1.08 22.65 3.82
N VAL G 89 0.75 23.73 4.54
CA VAL G 89 -0.27 23.66 5.57
C VAL G 89 -1.59 23.26 4.91
N MET G 90 -1.88 23.87 3.78
CA MET G 90 -3.12 23.56 3.05
C MET G 90 -3.17 22.11 2.59
N ALA G 91 -2.07 21.60 2.05
CA ALA G 91 -1.99 20.18 1.70
C ALA G 91 -2.27 19.31 2.93
N LEU G 92 -1.61 19.62 4.05
CA LEU G 92 -1.85 18.89 5.29
C LEU G 92 -3.33 18.87 5.67
N GLN G 93 -4.01 20.01 5.50
CA GLN G 93 -5.42 20.06 5.86
C GLN G 93 -6.29 19.25 4.90
N GLU G 94 -5.99 19.34 3.61
CA GLU G 94 -6.68 18.53 2.60
C GLU G 94 -6.57 17.04 2.92
N ALA G 95 -5.35 16.60 3.22
CA ALA G 95 -5.11 15.22 3.58
C ALA G 95 -5.87 14.83 4.84
N CYS G 96 -5.81 15.68 5.87
CA CYS G 96 -6.43 15.37 7.15
C CYS G 96 -7.95 15.27 7.06
N GLU G 97 -8.55 16.18 6.31
CA GLU G 97 -10.00 16.18 6.18
C GLU G 97 -10.46 15.04 5.28
N ALA G 98 -9.72 14.76 4.22
CA ALA G 98 -10.07 13.62 3.37
C ALA G 98 -9.99 12.34 4.17
N TYR G 99 -8.93 12.19 4.95
CA TYR G 99 -8.76 11.01 5.80
C TYR G 99 -9.88 10.90 6.83
N LEU G 100 -10.26 12.01 7.45
CA LEU G 100 -11.27 11.93 8.51
C LEU G 100 -12.67 11.66 7.93
N VAL G 101 -12.99 12.24 6.77
CA VAL G 101 -14.26 11.96 6.11
C VAL G 101 -14.34 10.49 5.69
N GLY G 102 -13.24 10.02 5.12
CA GLY G 102 -13.09 8.62 4.77
C GLY G 102 -13.27 7.69 5.94
N LEU G 103 -12.69 8.05 7.09
CA LEU G 103 -12.78 7.24 8.29
C LEU G 103 -14.19 7.22 8.85
N PHE G 104 -14.85 8.38 8.81
CA PHE G 104 -16.25 8.48 9.27
C PHE G 104 -17.23 7.65 8.42
N GLU G 105 -16.97 7.49 7.12
CA GLU G 105 -17.79 6.56 6.32
C GLU G 105 -17.72 5.12 6.85
N ASP G 106 -16.50 4.64 7.09
CA ASP G 106 -16.31 3.28 7.58
C ASP G 106 -16.90 3.11 8.99
N THR G 107 -16.77 4.17 9.78
CA THR G 107 -17.31 4.20 11.13
C THR G 107 -18.83 4.06 11.08
N ASN G 108 -19.44 4.84 10.20
CA ASN G 108 -20.87 4.78 9.98
C ASN G 108 -21.31 3.37 9.58
N LEU G 109 -20.54 2.74 8.70
CA LEU G 109 -20.85 1.36 8.32
C LEU G 109 -20.74 0.41 9.52
N CYS G 110 -19.79 0.64 10.42
CA CYS G 110 -19.66 -0.22 11.60
C CYS G 110 -20.80 -0.03 12.61
N ALA G 111 -21.30 1.20 12.73
CA ALA G 111 -22.44 1.45 13.60
C ALA G 111 -23.70 0.82 13.02
N ILE G 112 -23.87 0.96 11.71
CA ILE G 112 -25.04 0.39 11.05
C ILE G 112 -24.99 -1.13 11.08
N HIS G 113 -23.78 -1.69 11.10
CA HIS G 113 -23.63 -3.14 11.22
C HIS G 113 -24.14 -3.63 12.58
N ALA G 114 -23.99 -2.79 13.59
CA ALA G 114 -24.43 -3.09 14.96
C ALA G 114 -25.88 -2.70 15.16
N LYS G 115 -26.59 -2.48 14.06
CA LYS G 115 -27.99 -2.09 14.07
C LYS G 115 -28.19 -0.78 14.86
N ARG G 116 -27.22 0.11 14.76
CA ARG G 116 -27.31 1.42 15.38
C ARG G 116 -27.29 2.53 14.33
N VAL G 117 -27.56 3.74 14.79
CA VAL G 117 -27.60 4.91 13.93
C VAL G 117 -26.57 5.91 14.47
N THR G 118 -26.20 5.71 15.73
CA THR G 118 -25.23 6.54 16.42
C THR G 118 -23.82 5.98 16.32
N ILE G 119 -22.89 6.72 15.71
CA ILE G 119 -21.50 6.27 15.70
C ILE G 119 -20.88 6.39 17.10
N MET G 120 -20.02 5.44 17.44
CA MET G 120 -19.38 5.38 18.76
C MET G 120 -17.89 5.09 18.64
N PRO G 121 -17.10 5.48 19.66
CA PRO G 121 -15.65 5.21 19.65
C PRO G 121 -15.33 3.75 19.32
N LYS G 122 -16.11 2.85 19.89
CA LYS G 122 -16.14 1.45 19.51
C LYS G 122 -16.09 1.24 17.97
N ASP G 123 -16.93 1.98 17.24
CA ASP G 123 -16.99 1.83 15.80
C ASP G 123 -15.70 2.30 15.14
N ILE G 124 -15.26 3.52 15.46
CA ILE G 124 -14.01 4.05 14.95
C ILE G 124 -12.88 3.05 15.15
N GLN G 125 -12.77 2.55 16.38
CA GLN G 125 -11.76 1.57 16.73
C GLN G 125 -11.84 0.32 15.83
N LEU G 126 -13.05 -0.19 15.60
CA LEU G 126 -13.19 -1.37 14.73
C LEU G 126 -12.71 -1.07 13.31
N ALA G 127 -13.16 0.05 12.78
CA ALA G 127 -12.79 0.45 11.43
C ALA G 127 -11.27 0.55 11.29
N ARG G 128 -10.62 1.14 12.28
CA ARG G 128 -9.19 1.35 12.19
C ARG G 128 -8.44 0.04 12.38
N ARG G 129 -9.03 -0.89 13.13
CA ARG G 129 -8.41 -2.19 13.32
C ARG G 129 -8.43 -2.95 12.00
N ILE G 130 -9.58 -2.96 11.33
CA ILE G 130 -9.67 -3.69 10.07
C ILE G 130 -8.82 -3.05 8.98
N ARG G 131 -8.78 -1.72 8.96
CA ARG G 131 -7.93 -0.97 8.04
C ARG G 131 -6.44 -1.26 8.20
N GLY G 132 -6.05 -1.80 9.36
CA GLY G 132 -4.66 -2.08 9.63
C GLY G 132 -3.93 -0.92 10.26
N GLU G 133 -4.69 0.06 10.76
CA GLU G 133 -4.14 1.15 11.54
C GLU G 133 -4.06 0.70 13.01
N ARG G 134 -3.20 1.33 13.82
CA ARG G 134 -2.97 0.81 15.17
C ARG G 134 -2.86 1.87 16.27
N ALA G 135 -3.87 1.88 17.14
CA ALA G 135 -3.92 2.70 18.36
C ALA G 135 -3.86 4.22 18.13
N LYS H 16 14.54 38.63 17.83
CA LYS H 16 14.85 38.97 19.21
C LYS H 16 13.74 38.51 20.14
N ARG H 17 12.55 38.34 19.59
CA ARG H 17 11.41 37.84 20.35
C ARG H 17 10.98 36.46 19.84
N HIS H 18 10.52 35.62 20.75
CA HIS H 18 10.03 34.31 20.38
C HIS H 18 8.50 34.32 20.39
N ARG H 19 7.92 33.42 19.60
CA ARG H 19 6.48 33.31 19.50
C ARG H 19 5.90 32.88 20.84
N LYS H 20 4.62 33.18 21.08
CA LYS H 20 3.94 32.69 22.26
C LYS H 20 3.97 31.15 22.27
N VAL H 21 3.96 30.57 23.46
CA VAL H 21 3.90 29.13 23.61
C VAL H 21 2.71 28.57 22.86
N LEU H 22 2.93 27.49 22.12
CA LEU H 22 1.85 26.74 21.49
C LEU H 22 1.49 25.56 22.37
N ARG H 23 0.21 25.45 22.74
CA ARG H 23 -0.24 24.31 23.52
C ARG H 23 -1.75 24.16 23.42
N ASP H 24 -2.23 22.92 23.49
CA ASP H 24 -3.65 22.58 23.52
C ASP H 24 -4.40 22.91 22.21
N ASN H 25 -3.68 23.06 21.12
CA ASN H 25 -4.31 23.48 19.86
C ASN H 25 -5.18 22.41 19.20
N ILE H 26 -5.12 21.17 19.70
CA ILE H 26 -5.97 20.10 19.20
C ILE H 26 -7.42 20.39 19.54
N GLN H 27 -7.62 21.20 20.58
CA GLN H 27 -8.96 21.59 20.98
C GLN H 27 -9.51 22.62 20.01
N GLY H 28 -8.64 23.10 19.13
CA GLY H 28 -9.04 24.02 18.08
C GLY H 28 -9.85 23.25 17.06
N ILE H 29 -9.66 21.94 17.04
CA ILE H 29 -10.51 21.06 16.26
C ILE H 29 -11.84 20.97 16.99
N THR H 30 -12.71 21.93 16.70
CA THR H 30 -13.93 22.12 17.47
C THR H 30 -14.96 21.01 17.25
N LYS H 31 -15.88 20.89 18.20
CA LYS H 31 -17.00 19.95 18.09
C LYS H 31 -17.82 20.14 16.80
N PRO H 32 -18.23 21.39 16.47
CA PRO H 32 -19.00 21.53 15.23
C PRO H 32 -18.22 21.15 13.96
N ALA H 33 -16.90 21.33 13.96
CA ALA H 33 -16.09 20.97 12.80
C ALA H 33 -16.04 19.45 12.60
N ILE H 34 -15.85 18.72 13.69
CA ILE H 34 -15.89 17.26 13.68
C ILE H 34 -17.26 16.78 13.23
N ARG H 35 -18.27 17.46 13.74
CA ARG H 35 -19.66 17.22 13.35
C ARG H 35 -19.85 17.36 11.83
N ARG H 36 -19.30 18.44 11.26
CA ARG H 36 -19.37 18.67 9.83
C ARG H 36 -18.69 17.55 9.05
N LEU H 37 -17.48 17.18 9.49
CA LEU H 37 -16.73 16.12 8.82
C LEU H 37 -17.52 14.80 8.83
N ALA H 38 -18.13 14.50 9.97
CA ALA H 38 -18.99 13.33 10.05
C ALA H 38 -20.15 13.45 9.05
N ARG H 39 -20.70 14.65 8.91
CA ARG H 39 -21.81 14.87 7.98
C ARG H 39 -21.41 14.56 6.55
N ARG H 40 -20.23 15.03 6.15
CA ARG H 40 -19.73 14.67 4.82
C ARG H 40 -19.48 13.16 4.74
N GLY H 41 -19.24 12.53 5.88
CA GLY H 41 -19.10 11.09 5.91
C GLY H 41 -20.45 10.40 5.87
N GLY H 42 -21.50 11.20 5.84
CA GLY H 42 -22.86 10.68 5.80
C GLY H 42 -23.34 10.13 7.13
N VAL H 43 -22.75 10.62 8.23
CA VAL H 43 -23.15 10.20 9.56
C VAL H 43 -24.30 11.05 10.10
N LYS H 44 -25.33 10.39 10.59
CA LYS H 44 -26.57 11.05 11.01
C LYS H 44 -26.61 11.36 12.50
N ARG H 45 -26.10 10.44 13.33
CA ARG H 45 -26.13 10.62 14.79
C ARG H 45 -24.76 10.34 15.42
N ILE H 46 -24.40 11.13 16.43
CA ILE H 46 -23.05 11.09 16.98
C ILE H 46 -22.99 11.00 18.51
N SER H 47 -22.35 9.95 19.03
CA SER H 47 -22.17 9.78 20.46
C SER H 47 -21.27 10.87 21.05
N GLY H 48 -21.52 11.24 22.30
CA GLY H 48 -20.80 12.33 22.94
C GLY H 48 -19.30 12.13 23.11
N LEU H 49 -18.87 10.87 23.07
CA LEU H 49 -17.46 10.53 23.23
C LEU H 49 -16.69 10.48 21.91
N ILE H 50 -17.35 10.82 20.80
CA ILE H 50 -16.72 10.70 19.49
C ILE H 50 -15.65 11.76 19.29
N TYR H 51 -15.92 12.99 19.75
CA TYR H 51 -15.03 14.11 19.46
C TYR H 51 -13.60 13.92 20.02
N GLU H 52 -13.48 13.41 21.24
CA GLU H 52 -12.15 13.16 21.81
C GLU H 52 -11.41 12.06 21.05
N GLU H 53 -12.10 10.98 20.71
CA GLU H 53 -11.50 9.90 19.93
C GLU H 53 -11.00 10.46 18.61
N THR H 54 -11.83 11.29 17.99
CA THR H 54 -11.51 11.88 16.71
C THR H 54 -10.26 12.73 16.83
N ARG H 55 -10.17 13.49 17.92
CA ARG H 55 -8.99 14.34 18.13
C ARG H 55 -7.73 13.48 18.30
N GLY H 56 -7.86 12.36 18.98
CA GLY H 56 -6.73 11.45 19.15
C GLY H 56 -6.25 10.89 17.83
N VAL H 57 -7.19 10.32 17.08
CA VAL H 57 -6.91 9.72 15.77
C VAL H 57 -6.29 10.74 14.82
N LEU H 58 -6.86 11.94 14.81
CA LEU H 58 -6.37 13.04 13.97
C LEU H 58 -4.95 13.40 14.36
N LYS H 59 -4.70 13.51 15.66
CA LYS H 59 -3.36 13.84 16.13
C LYS H 59 -2.34 12.80 15.67
N VAL H 60 -2.68 11.51 15.78
CA VAL H 60 -1.76 10.48 15.32
C VAL H 60 -1.47 10.63 13.83
N PHE H 61 -2.53 10.75 13.04
CA PHE H 61 -2.40 10.95 11.61
C PHE H 61 -1.43 12.10 11.27
N LEU H 62 -1.71 13.27 11.85
CA LEU H 62 -0.88 14.45 11.64
C LEU H 62 0.56 14.25 12.08
N GLU H 63 0.75 13.66 13.26
CA GLU H 63 2.08 13.39 13.77
C GLU H 63 2.89 12.60 12.76
N ASN H 64 2.31 11.52 12.26
CA ASN H 64 3.04 10.67 11.31
C ASN H 64 3.38 11.41 10.02
N VAL H 65 2.38 12.06 9.43
CA VAL H 65 2.63 12.75 8.16
C VAL H 65 3.66 13.87 8.33
N ILE H 66 3.49 14.71 9.35
CA ILE H 66 4.42 15.79 9.62
C ILE H 66 5.83 15.25 9.92
N ARG H 67 5.93 14.19 10.69
CA ARG H 67 7.23 13.58 10.97
C ARG H 67 7.95 13.25 9.66
N ASP H 68 7.32 12.46 8.79
CA ASP H 68 7.98 12.12 7.51
C ASP H 68 8.30 13.35 6.66
N ALA H 69 7.38 14.30 6.63
CA ALA H 69 7.57 15.53 5.87
C ALA H 69 8.83 16.25 6.34
N VAL H 70 8.85 16.61 7.61
CA VAL H 70 9.99 17.25 8.24
C VAL H 70 11.28 16.45 8.02
N THR H 71 11.19 15.12 7.98
CA THR H 71 12.37 14.32 7.65
C THR H 71 12.87 14.67 6.25
N TYR H 72 11.94 14.78 5.29
CA TYR H 72 12.33 15.23 3.94
C TYR H 72 12.94 16.63 3.95
N THR H 73 12.38 17.52 4.77
CA THR H 73 12.91 18.87 4.92
C THR H 73 14.36 18.86 5.41
N GLU H 74 14.57 18.19 6.54
CA GLU H 74 15.90 17.99 7.12
C GLU H 74 16.87 17.48 6.08
N HIS H 75 16.47 16.41 5.38
CA HIS H 75 17.37 15.81 4.41
C HIS H 75 17.74 16.78 3.31
N ALA H 76 16.81 17.65 2.94
CA ALA H 76 17.08 18.66 1.94
C ALA H 76 17.92 19.82 2.50
N LYS H 77 18.30 19.72 3.77
CA LYS H 77 19.05 20.77 4.46
C LYS H 77 18.30 22.10 4.43
N ARG H 78 16.96 22.03 4.50
CA ARG H 78 16.12 23.21 4.51
C ARG H 78 15.55 23.47 5.89
N LYS H 79 14.99 24.65 6.08
CA LYS H 79 14.31 25.01 7.33
C LYS H 79 12.83 25.26 7.08
N THR H 80 12.44 25.26 5.80
CA THR H 80 11.05 25.48 5.41
C THR H 80 10.43 24.22 4.84
N VAL H 81 9.37 23.74 5.48
CA VAL H 81 8.63 22.60 4.97
C VAL H 81 7.86 22.99 3.71
N THR H 82 8.11 22.29 2.60
CA THR H 82 7.44 22.61 1.35
C THR H 82 6.20 21.75 1.12
N ALA H 83 5.33 22.19 0.22
CA ALA H 83 4.18 21.38 -0.19
C ALA H 83 4.65 20.05 -0.78
N MET H 84 5.79 20.06 -1.47
CA MET H 84 6.33 18.82 -1.99
C MET H 84 6.75 17.87 -0.86
N ASP H 85 7.28 18.41 0.25
CA ASP H 85 7.63 17.58 1.40
C ASP H 85 6.42 16.81 1.92
N VAL H 86 5.31 17.53 2.07
CA VAL H 86 4.05 16.94 2.49
C VAL H 86 3.50 15.94 1.47
N VAL H 87 3.62 16.24 0.17
CA VAL H 87 3.15 15.32 -0.85
C VAL H 87 3.93 14.01 -0.80
N TYR H 88 5.26 14.11 -0.82
CA TYR H 88 6.12 12.93 -0.71
C TYR H 88 5.84 12.14 0.57
N ALA H 89 5.66 12.87 1.67
CA ALA H 89 5.39 12.24 2.97
C ALA H 89 4.11 11.46 2.89
N LEU H 90 3.09 12.08 2.32
CA LEU H 90 1.79 11.45 2.16
C LEU H 90 1.87 10.21 1.28
N LYS H 91 2.70 10.27 0.24
CA LYS H 91 2.81 9.14 -0.68
C LYS H 91 3.51 7.98 0.00
N ARG H 92 4.48 8.26 0.86
CA ARG H 92 5.10 7.22 1.67
C ARG H 92 4.07 6.37 2.42
N GLN H 93 2.98 7.02 2.83
CA GLN H 93 1.99 6.37 3.67
C GLN H 93 0.76 5.86 2.91
N GLY H 94 0.87 5.78 1.59
CA GLY H 94 -0.22 5.29 0.76
C GLY H 94 -1.44 6.21 0.78
N ARG H 95 -1.20 7.50 0.99
CA ARG H 95 -2.26 8.49 0.93
C ARG H 95 -1.92 9.58 -0.13
N THR H 96 -1.77 9.16 -1.38
CA THR H 96 -1.39 10.03 -2.49
C THR H 96 -2.30 11.25 -2.72
N LEU H 97 -1.70 12.44 -2.74
CA LEU H 97 -2.45 13.69 -2.86
C LEU H 97 -2.25 14.39 -4.20
N TYR H 98 -3.35 14.70 -4.88
CA TYR H 98 -3.33 15.51 -6.10
C TYR H 98 -3.63 16.98 -5.81
N GLY H 99 -2.94 17.88 -6.49
CA GLY H 99 -3.34 19.28 -6.47
C GLY H 99 -2.28 20.27 -6.02
N PHE H 100 -1.21 19.77 -5.41
CA PHE H 100 -0.20 20.65 -4.83
C PHE H 100 1.16 20.46 -5.46
N GLY H 101 1.21 20.47 -6.78
CA GLY H 101 2.45 20.30 -7.51
C GLY H 101 2.95 18.88 -7.40
N GLY H 102 2.05 17.98 -7.03
CA GLY H 102 2.38 16.57 -6.88
C GLY H 102 3.04 15.97 -8.11
N VAL I 14 45.64 -7.79 1.65
CA VAL I 14 44.34 -7.83 0.97
C VAL I 14 43.22 -8.18 1.94
N LYS I 15 42.39 -7.21 2.25
CA LYS I 15 41.28 -7.44 3.17
C LYS I 15 39.96 -6.91 2.63
N SER I 16 38.91 -7.72 2.72
CA SER I 16 37.60 -7.37 2.22
C SER I 16 37.00 -6.19 2.97
N ARG I 17 36.13 -5.46 2.29
CA ARG I 17 35.53 -4.27 2.87
C ARG I 17 34.57 -4.62 4.00
N SER I 18 34.06 -5.85 4.00
CA SER I 18 33.23 -6.33 5.10
C SER I 18 34.06 -6.43 6.37
N SER I 19 35.29 -6.93 6.22
CA SER I 19 36.22 -7.04 7.34
C SER I 19 36.64 -5.67 7.82
N ARG I 20 36.83 -4.76 6.86
CA ARG I 20 37.28 -3.41 7.17
C ARG I 20 36.16 -2.58 7.83
N ALA I 21 34.92 -2.97 7.58
CA ALA I 21 33.79 -2.31 8.19
C ALA I 21 33.36 -3.05 9.45
N GLY I 22 33.96 -4.20 9.68
CA GLY I 22 33.66 -5.01 10.85
C GLY I 22 32.31 -5.66 10.73
N LEU I 23 32.04 -6.23 9.55
CA LEU I 23 30.72 -6.78 9.27
C LEU I 23 30.79 -8.19 8.71
N GLN I 24 29.76 -8.97 9.01
CA GLN I 24 29.60 -10.32 8.47
C GLN I 24 29.02 -10.27 7.06
N PHE I 25 28.17 -9.28 6.82
CA PHE I 25 27.47 -9.14 5.55
C PHE I 25 28.38 -8.57 4.46
N PRO I 26 28.19 -9.02 3.21
CA PRO I 26 29.08 -8.71 2.08
C PRO I 26 28.95 -7.29 1.54
N VAL I 27 29.82 -6.39 1.98
CA VAL I 27 29.77 -5.00 1.54
C VAL I 27 29.87 -4.88 0.01
N GLY I 28 30.79 -5.64 -0.57
CA GLY I 28 30.99 -5.62 -2.01
C GLY I 28 29.75 -6.03 -2.79
N ARG I 29 29.12 -7.12 -2.35
CA ARG I 29 27.90 -7.61 -3.00
C ARG I 29 26.77 -6.60 -2.91
N VAL I 30 26.64 -5.97 -1.74
CA VAL I 30 25.64 -4.94 -1.55
C VAL I 30 25.91 -3.78 -2.52
N HIS I 31 27.17 -3.46 -2.72
CA HIS I 31 27.55 -2.40 -3.66
C HIS I 31 27.11 -2.77 -5.09
N ARG I 32 27.44 -3.99 -5.49
CA ARG I 32 27.10 -4.47 -6.82
C ARG I 32 25.58 -4.46 -7.04
N LEU I 33 24.84 -4.92 -6.04
CA LEU I 33 23.38 -4.96 -6.12
C LEU I 33 22.81 -3.56 -6.25
N LEU I 34 23.38 -2.62 -5.51
CA LEU I 34 22.98 -1.22 -5.63
C LEU I 34 23.20 -0.70 -7.05
N ARG I 35 24.38 -0.93 -7.60
CA ARG I 35 24.65 -0.51 -8.97
C ARG I 35 23.68 -1.12 -9.98
N GLN I 36 23.37 -2.40 -9.82
CA GLN I 36 22.55 -3.13 -10.78
C GLN I 36 21.04 -2.99 -10.53
N GLY I 37 20.67 -2.25 -9.49
CA GLY I 37 19.26 -2.13 -9.15
C GLY I 37 18.60 -0.86 -9.66
N ASN I 38 19.30 -0.11 -10.50
CA ASN I 38 18.78 1.12 -11.06
C ASN I 38 18.25 2.06 -9.98
N TYR I 39 19.15 2.59 -9.16
CA TYR I 39 18.72 3.46 -8.07
C TYR I 39 19.25 4.85 -8.29
N ALA I 40 20.50 4.95 -8.72
CA ALA I 40 21.09 6.23 -9.08
C ALA I 40 22.30 6.06 -10.03
N GLN I 41 22.96 7.14 -10.43
CA GLN I 41 23.88 6.99 -11.56
C GLN I 41 25.20 6.65 -10.90
N ARG I 42 25.40 7.23 -9.72
CA ARG I 42 26.57 6.96 -8.91
C ARG I 42 26.19 6.45 -7.52
N ILE I 43 27.01 5.54 -6.99
CA ILE I 43 26.83 5.06 -5.63
C ILE I 43 28.05 5.36 -4.76
N GLY I 44 27.84 6.12 -3.68
CA GLY I 44 28.91 6.48 -2.77
C GLY I 44 29.60 5.28 -2.15
N ALA I 45 30.82 5.50 -1.66
CA ALA I 45 31.63 4.44 -1.07
C ALA I 45 31.01 3.93 0.22
N GLY I 46 30.42 4.83 0.99
CA GLY I 46 29.93 4.52 2.32
C GLY I 46 28.55 3.87 2.34
N ALA I 47 27.79 4.09 1.28
CA ALA I 47 26.42 3.57 1.19
C ALA I 47 26.36 2.03 1.33
N PRO I 48 27.22 1.28 0.61
CA PRO I 48 27.10 -0.17 0.76
C PRO I 48 27.49 -0.64 2.16
N VAL I 49 28.40 0.09 2.78
CA VAL I 49 28.82 -0.22 4.15
C VAL I 49 27.62 -0.04 5.08
N TYR I 50 27.04 1.15 5.03
CA TYR I 50 25.89 1.51 5.84
C TYR I 50 24.75 0.52 5.68
N LEU I 51 24.40 0.25 4.43
CA LEU I 51 23.29 -0.65 4.13
C LEU I 51 23.59 -2.04 4.65
N ALA I 52 24.81 -2.52 4.41
CA ALA I 52 25.17 -3.87 4.85
C ALA I 52 25.07 -3.97 6.37
N ALA I 53 25.54 -2.92 7.05
CA ALA I 53 25.47 -2.86 8.51
C ALA I 53 24.03 -2.90 9.01
N VAL I 54 23.15 -2.16 8.34
CA VAL I 54 21.73 -2.10 8.70
C VAL I 54 21.06 -3.46 8.53
N LEU I 55 21.26 -4.06 7.36
CA LEU I 55 20.72 -5.39 7.07
C LEU I 55 21.22 -6.44 8.05
N GLU I 56 22.50 -6.35 8.42
CA GLU I 56 23.09 -7.27 9.39
C GLU I 56 22.49 -7.07 10.78
N TYR I 57 22.31 -5.82 11.18
CA TYR I 57 21.69 -5.55 12.47
C TYR I 57 20.29 -6.14 12.54
N LEU I 58 19.46 -5.83 11.54
CA LEU I 58 18.08 -6.34 11.53
C LEU I 58 18.05 -7.86 11.53
N THR I 59 18.91 -8.47 10.72
CA THR I 59 19.04 -9.93 10.72
C THR I 59 19.38 -10.47 12.12
N ALA I 60 20.36 -9.86 12.79
CA ALA I 60 20.71 -10.25 14.15
C ALA I 60 19.51 -10.15 15.07
N GLU I 61 18.74 -9.08 14.91
CA GLU I 61 17.56 -8.86 15.71
C GLU I 61 16.54 -10.01 15.60
N VAL I 62 16.05 -10.25 14.38
CA VAL I 62 14.99 -11.25 14.27
C VAL I 62 15.55 -12.65 14.54
N LEU I 63 16.83 -12.85 14.26
CA LEU I 63 17.46 -14.14 14.57
C LEU I 63 17.51 -14.36 16.08
N GLU I 64 17.80 -13.31 16.84
CA GLU I 64 17.81 -13.43 18.30
C GLU I 64 16.42 -13.73 18.84
N LEU I 65 15.44 -12.96 18.42
CA LEU I 65 14.09 -13.18 18.94
C LEU I 65 13.54 -14.55 18.52
N ALA I 66 13.90 -14.99 17.33
CA ALA I 66 13.47 -16.31 16.85
C ALA I 66 14.20 -17.41 17.60
N GLY I 67 15.46 -17.18 17.92
CA GLY I 67 16.22 -18.11 18.73
C GLY I 67 15.55 -18.30 20.06
N ASN I 68 15.21 -17.18 20.71
CA ASN I 68 14.43 -17.23 21.94
C ASN I 68 13.14 -18.02 21.78
N ALA I 69 12.41 -17.76 20.69
CA ALA I 69 11.14 -18.44 20.47
C ALA I 69 11.33 -19.95 20.31
N ALA I 70 12.47 -20.37 19.75
CA ALA I 70 12.76 -21.79 19.56
C ALA I 70 13.18 -22.43 20.88
N ARG I 71 13.92 -21.68 21.68
CA ARG I 71 14.27 -22.09 23.04
C ARG I 71 13.01 -22.32 23.86
N ASP I 72 12.03 -21.43 23.72
CA ASP I 72 10.76 -21.57 24.42
C ASP I 72 10.01 -22.83 23.99
N ASN I 73 10.10 -23.17 22.71
CA ASN I 73 9.42 -24.35 22.18
C ASN I 73 10.22 -25.62 22.44
N LYS I 74 11.34 -25.46 23.16
CA LYS I 74 12.28 -26.54 23.46
C LYS I 74 12.89 -27.12 22.19
N LYS I 75 13.11 -26.25 21.20
CA LYS I 75 13.73 -26.66 19.95
C LYS I 75 15.09 -25.98 19.78
N THR I 76 15.99 -26.67 19.08
CA THR I 76 17.34 -26.17 18.85
C THR I 76 17.42 -25.41 17.53
N ARG I 77 16.63 -25.87 16.56
CA ARG I 77 16.66 -25.31 15.21
C ARG I 77 15.46 -24.42 14.93
N ILE I 78 15.74 -23.18 14.51
CA ILE I 78 14.71 -22.19 14.15
C ILE I 78 13.87 -22.62 12.95
N THR I 79 12.56 -22.51 13.10
CA THR I 79 11.61 -22.81 12.03
C THR I 79 10.86 -21.55 11.58
N PRO I 80 10.13 -21.63 10.45
CA PRO I 80 9.22 -20.55 10.07
C PRO I 80 8.28 -20.14 11.21
N ARG I 81 7.74 -21.13 11.92
CA ARG I 81 6.87 -20.89 13.06
C ARG I 81 7.56 -20.01 14.11
N HIS I 82 8.84 -20.29 14.35
CA HIS I 82 9.56 -19.56 15.38
C HIS I 82 9.79 -18.11 14.94
N LEU I 83 10.05 -17.92 13.65
CA LEU I 83 10.22 -16.59 13.10
C LEU I 83 8.92 -15.80 13.18
N GLN I 84 7.80 -16.48 12.91
CA GLN I 84 6.48 -15.86 13.00
C GLN I 84 6.11 -15.46 14.44
N LEU I 85 6.32 -16.38 15.39
CA LEU I 85 6.06 -16.08 16.79
C LEU I 85 6.96 -14.95 17.26
N ALA I 86 8.20 -14.92 16.77
CA ALA I 86 9.13 -13.87 17.13
C ALA I 86 8.65 -12.52 16.63
N ILE I 87 8.33 -12.46 15.34
CA ILE I 87 7.94 -11.21 14.69
C ILE I 87 6.61 -10.67 15.19
N ARG I 88 5.59 -11.52 15.26
CA ARG I 88 4.26 -11.05 15.66
C ARG I 88 4.19 -10.62 17.12
N ASN I 89 5.00 -11.23 17.98
CA ASN I 89 5.01 -10.87 19.40
C ASN I 89 5.86 -9.65 19.70
N ASP I 90 6.49 -9.08 18.68
CA ASP I 90 7.31 -7.88 18.86
C ASP I 90 6.72 -6.70 18.08
N GLU I 91 6.33 -5.66 18.81
CA GLU I 91 5.60 -4.53 18.24
C GLU I 91 6.23 -3.97 16.96
N GLU I 92 7.54 -3.74 17.00
CA GLU I 92 8.22 -3.01 15.94
C GLU I 92 8.53 -3.88 14.72
N LEU I 93 8.98 -5.11 14.93
CA LEU I 93 9.17 -6.01 13.81
C LEU I 93 7.81 -6.31 13.15
N ASN I 94 6.77 -6.39 13.97
CA ASN I 94 5.41 -6.60 13.50
C ASN I 94 4.94 -5.45 12.62
N LYS I 95 5.24 -4.23 13.06
CA LYS I 95 4.89 -3.05 12.28
C LYS I 95 5.67 -3.03 10.96
N LEU I 96 6.97 -3.29 11.06
CA LEU I 96 7.87 -3.29 9.90
C LEU I 96 7.46 -4.32 8.86
N LEU I 97 6.79 -5.37 9.30
CA LEU I 97 6.39 -6.45 8.42
C LEU I 97 4.88 -6.68 8.50
N GLY I 98 4.14 -5.61 8.70
CA GLY I 98 2.70 -5.70 8.87
C GLY I 98 1.95 -6.21 7.64
N ARG I 99 2.60 -6.11 6.48
CA ARG I 99 1.96 -6.54 5.25
C ARG I 99 2.78 -7.63 4.57
N VAL I 100 3.46 -8.42 5.40
CA VAL I 100 4.30 -9.51 4.94
C VAL I 100 3.75 -10.85 5.45
N THR I 101 3.65 -11.82 4.54
CA THR I 101 3.18 -13.14 4.92
C THR I 101 4.34 -14.15 4.95
N ILE I 102 4.47 -14.84 6.08
CA ILE I 102 5.54 -15.80 6.30
C ILE I 102 5.03 -17.22 6.04
N ALA I 103 5.60 -17.89 5.05
CA ALA I 103 5.13 -19.22 4.68
C ALA I 103 5.38 -20.23 5.78
N GLN I 104 4.36 -21.03 6.08
CA GLN I 104 4.43 -22.05 7.12
C GLN I 104 4.67 -21.46 8.52
N GLY I 105 4.17 -20.26 8.76
CA GLY I 105 4.36 -19.58 10.02
C GLY I 105 3.17 -19.66 10.98
N GLY I 106 2.00 -19.97 10.45
CA GLY I 106 0.79 -20.01 11.26
C GLY I 106 0.49 -18.68 11.91
N VAL I 107 -0.35 -18.72 12.95
CA VAL I 107 -0.80 -17.50 13.63
C VAL I 107 -0.56 -17.60 15.14
N LEU I 108 -0.58 -16.45 15.81
CA LEU I 108 -0.48 -16.46 17.26
C LEU I 108 -1.75 -17.01 17.87
N PRO I 109 -1.60 -17.92 18.84
CA PRO I 109 -2.79 -18.35 19.59
C PRO I 109 -3.47 -17.15 20.25
N ASN I 110 -4.73 -16.94 19.90
CA ASN I 110 -5.51 -15.83 20.44
C ASN I 110 -7.00 -16.12 20.28
N ILE I 111 -7.71 -16.12 21.40
CA ILE I 111 -9.16 -16.30 21.37
C ILE I 111 -9.87 -15.16 22.09
N GLN I 112 -10.76 -14.48 21.36
CA GLN I 112 -11.55 -13.41 21.93
C GLN I 112 -12.29 -13.88 23.16
N ALA I 113 -12.14 -13.15 24.26
CA ALA I 113 -12.68 -13.53 25.56
C ALA I 113 -14.15 -13.92 25.51
N VAL I 114 -14.92 -13.22 24.68
CA VAL I 114 -16.36 -13.43 24.56
C VAL I 114 -16.71 -14.83 24.06
N LEU I 115 -15.72 -15.56 23.56
CA LEU I 115 -15.94 -16.88 22.99
C LEU I 115 -15.69 -18.00 23.99
N LEU I 116 -15.12 -17.66 25.15
CA LEU I 116 -14.81 -18.64 26.18
C LEU I 116 -16.03 -18.97 27.04
N PRO I 117 -16.09 -20.18 27.61
CA PRO I 117 -17.20 -20.58 28.48
C PRO I 117 -17.33 -19.69 29.71
N LYS I 118 -18.56 -19.53 30.20
CA LYS I 118 -18.85 -18.62 31.31
C LYS I 118 -18.35 -19.13 32.67
N LYS I 119 -18.86 -20.27 33.11
CA LYS I 119 -18.49 -20.81 34.42
C LYS I 119 -17.64 -22.08 34.30
N ARG J 34 24.41 -21.03 -11.82
CA ARG J 34 24.83 -20.57 -10.50
C ARG J 34 23.90 -19.50 -9.93
N LYS J 35 23.45 -19.69 -8.69
CA LYS J 35 22.61 -18.71 -8.01
C LYS J 35 23.23 -18.32 -6.67
N GLU J 36 22.93 -17.12 -6.19
CA GLU J 36 23.51 -16.65 -4.94
C GLU J 36 22.42 -16.20 -3.95
N SER J 37 22.77 -16.21 -2.67
CA SER J 37 21.84 -15.79 -1.62
C SER J 37 22.60 -15.25 -0.41
N TYR J 38 21.87 -14.94 0.65
CA TYR J 38 22.47 -14.39 1.86
C TYR J 38 22.71 -15.45 2.92
N SER J 39 22.43 -16.71 2.58
CA SER J 39 22.47 -17.84 3.51
C SER J 39 23.65 -17.88 4.47
N ILE J 40 24.88 -17.81 3.95
CA ILE J 40 26.05 -18.01 4.79
C ILE J 40 26.23 -16.85 5.77
N TYR J 41 25.85 -15.64 5.37
CA TYR J 41 25.98 -14.48 6.23
C TYR J 41 24.95 -14.53 7.34
N ILE J 42 23.74 -14.95 6.97
CA ILE J 42 22.66 -15.12 7.92
C ILE J 42 23.04 -16.18 8.95
N TYR J 43 23.60 -17.30 8.49
CA TYR J 43 24.05 -18.36 9.40
C TYR J 43 25.17 -17.87 10.32
N LYS J 44 26.12 -17.12 9.77
CA LYS J 44 27.19 -16.55 10.56
C LYS J 44 26.67 -15.65 11.67
N VAL J 45 25.72 -14.78 11.34
CA VAL J 45 25.09 -13.92 12.34
C VAL J 45 24.29 -14.76 13.34
N LEU J 46 23.71 -15.85 12.88
CA LEU J 46 22.97 -16.76 13.75
C LEU J 46 23.88 -17.34 14.82
N LYS J 47 25.09 -17.73 14.41
CA LYS J 47 26.07 -18.25 15.36
C LYS J 47 26.58 -17.15 16.28
N GLN J 48 26.77 -15.96 15.74
CA GLN J 48 27.21 -14.82 16.54
C GLN J 48 26.16 -14.44 17.59
N VAL J 49 24.90 -14.73 17.31
CA VAL J 49 23.81 -14.33 18.19
C VAL J 49 23.23 -15.51 19.01
N HIS J 50 22.90 -16.67 18.44
CA HIS J 50 22.87 -17.85 19.33
C HIS J 50 23.83 -18.91 18.81
N PRO J 51 24.94 -19.11 19.52
CA PRO J 51 26.01 -20.03 19.20
C PRO J 51 25.55 -21.48 19.02
N ASP J 52 24.53 -21.93 19.74
CA ASP J 52 24.14 -23.34 19.66
C ASP J 52 22.77 -23.55 19.01
N THR J 53 22.34 -22.60 18.19
CA THR J 53 21.02 -22.67 17.56
C THR J 53 21.14 -22.89 16.04
N GLY J 54 20.31 -23.79 15.52
CA GLY J 54 20.31 -24.07 14.10
C GLY J 54 19.14 -23.40 13.39
N ILE J 55 19.11 -23.54 12.07
CA ILE J 55 18.03 -22.95 11.29
C ILE J 55 17.63 -23.87 10.15
N SER J 56 16.33 -24.12 10.01
CA SER J 56 15.84 -25.00 8.96
C SER J 56 15.93 -24.31 7.61
N SER J 57 15.84 -25.09 6.54
CA SER J 57 16.04 -24.55 5.20
C SER J 57 14.91 -23.59 4.82
N LYS J 58 13.68 -23.96 5.14
CA LYS J 58 12.53 -23.10 4.89
C LYS J 58 12.72 -21.77 5.62
N ALA J 59 13.17 -21.86 6.87
CA ALA J 59 13.44 -20.67 7.66
C ALA J 59 14.53 -19.82 7.02
N MET J 60 15.53 -20.49 6.45
CA MET J 60 16.63 -19.77 5.79
C MET J 60 16.11 -19.01 4.56
N SER J 61 15.18 -19.63 3.85
CA SER J 61 14.54 -18.97 2.72
C SER J 61 13.82 -17.72 3.20
N ILE J 62 13.01 -17.88 4.25
CA ILE J 62 12.29 -16.74 4.81
C ILE J 62 13.24 -15.60 5.19
N MET J 63 14.38 -15.93 5.80
CA MET J 63 15.37 -14.90 6.13
C MET J 63 15.95 -14.23 4.88
N ASN J 64 16.20 -15.02 3.84
CA ASN J 64 16.66 -14.45 2.57
C ASN J 64 15.66 -13.44 1.99
N SER J 65 14.38 -13.84 1.98
CA SER J 65 13.32 -12.95 1.54
C SER J 65 13.30 -11.69 2.40
N PHE J 66 13.55 -11.85 3.68
CA PHE J 66 13.60 -10.70 4.59
C PHE J 66 14.70 -9.70 4.20
N VAL J 67 15.92 -10.20 4.05
CA VAL J 67 17.06 -9.35 3.70
C VAL J 67 16.84 -8.68 2.33
N THR J 68 16.41 -9.47 1.36
CA THR J 68 16.10 -8.94 0.02
C THR J 68 15.05 -7.82 0.08
N ASP J 69 13.99 -8.07 0.83
CA ASP J 69 12.91 -7.10 1.00
C ASP J 69 13.43 -5.79 1.57
N ILE J 70 14.00 -5.85 2.76
CA ILE J 70 14.46 -4.65 3.43
C ILE J 70 15.50 -3.91 2.58
N PHE J 71 16.32 -4.69 1.87
CA PHE J 71 17.25 -4.11 0.91
C PHE J 71 16.49 -3.24 -0.09
N GLU J 72 15.47 -3.83 -0.71
CA GLU J 72 14.72 -3.14 -1.75
C GLU J 72 14.00 -1.90 -1.21
N ARG J 73 13.49 -1.96 0.03
CA ARG J 73 12.83 -0.81 0.61
C ARG J 73 13.78 0.35 0.84
N ILE J 74 14.89 0.05 1.50
CA ILE J 74 15.86 1.08 1.84
C ILE J 74 16.44 1.69 0.56
N ALA J 75 16.83 0.83 -0.38
CA ALA J 75 17.41 1.30 -1.63
C ALA J 75 16.43 2.15 -2.42
N SER J 76 15.20 1.67 -2.56
CA SER J 76 14.15 2.43 -3.28
C SER J 76 13.92 3.80 -2.67
N GLU J 77 13.79 3.86 -1.36
CA GLU J 77 13.58 5.14 -0.69
C GLU J 77 14.79 6.06 -0.86
N ALA J 78 15.98 5.50 -0.81
CA ALA J 78 17.19 6.31 -0.97
C ALA J 78 17.22 6.92 -2.35
N SER J 79 16.83 6.10 -3.34
CA SER J 79 16.74 6.52 -4.73
C SER J 79 15.80 7.70 -4.86
N ARG J 80 14.63 7.54 -4.26
CA ARG J 80 13.63 8.60 -4.25
C ARG J 80 14.20 9.88 -3.65
N LEU J 81 14.85 9.74 -2.49
CA LEU J 81 15.48 10.86 -1.80
C LEU J 81 16.48 11.62 -2.67
N ALA J 82 17.40 10.88 -3.29
CA ALA J 82 18.38 11.49 -4.17
C ALA J 82 17.70 12.21 -5.33
N HIS J 83 16.66 11.58 -5.88
CA HIS J 83 15.92 12.16 -7.01
C HIS J 83 15.22 13.46 -6.62
N TYR J 84 14.61 13.49 -5.43
CA TYR J 84 13.88 14.69 -4.98
C TYR J 84 14.76 15.92 -4.90
N ASN J 85 16.05 15.72 -4.63
CA ASN J 85 16.96 16.83 -4.46
C ASN J 85 17.93 16.97 -5.61
N LYS J 86 17.52 16.45 -6.77
CA LYS J 86 18.30 16.55 -8.00
C LYS J 86 19.74 16.09 -7.78
N ARG J 87 19.91 15.08 -6.94
CA ARG J 87 21.22 14.50 -6.73
C ARG J 87 21.33 13.22 -7.52
N SER J 88 22.56 12.85 -7.84
CA SER J 88 22.77 11.70 -8.69
C SER J 88 23.51 10.59 -7.96
N THR J 89 23.89 10.87 -6.71
CA THR J 89 24.63 9.93 -5.90
C THR J 89 23.85 9.52 -4.65
N ILE J 90 23.69 8.22 -4.48
CA ILE J 90 23.12 7.70 -3.24
C ILE J 90 24.23 7.48 -2.22
N THR J 91 24.41 8.45 -1.33
CA THR J 91 25.45 8.38 -0.31
C THR J 91 24.90 7.81 0.98
N SER J 92 25.78 7.56 1.94
CA SER J 92 25.42 7.00 3.23
C SER J 92 24.27 7.76 3.87
N ARG J 93 24.27 9.08 3.68
CA ARG J 93 23.24 9.94 4.21
C ARG J 93 21.84 9.54 3.71
N GLU J 94 21.75 9.26 2.41
CA GLU J 94 20.48 8.79 1.83
C GLU J 94 20.01 7.49 2.47
N ILE J 95 20.93 6.56 2.65
CA ILE J 95 20.61 5.31 3.35
C ILE J 95 20.12 5.59 4.77
N GLN J 96 20.74 6.57 5.43
CA GLN J 96 20.36 6.94 6.80
C GLN J 96 18.95 7.48 6.88
N THR J 97 18.66 8.49 6.08
CA THR J 97 17.33 9.07 6.05
C THR J 97 16.30 8.00 5.68
N ALA J 98 16.62 7.19 4.67
CA ALA J 98 15.74 6.10 4.25
C ALA J 98 15.44 5.16 5.42
N VAL J 99 16.46 4.89 6.22
CA VAL J 99 16.30 4.05 7.40
C VAL J 99 15.35 4.71 8.39
N ARG J 100 15.57 6.00 8.64
CA ARG J 100 14.74 6.77 9.56
C ARG J 100 13.28 6.78 9.13
N LEU J 101 13.05 6.82 7.83
CA LEU J 101 11.70 6.85 7.28
C LEU J 101 11.06 5.47 7.28
N LEU J 102 11.85 4.41 7.13
CA LEU J 102 11.30 3.08 6.93
C LEU J 102 11.15 2.23 8.19
N LEU J 103 12.06 2.38 9.13
CA LEU J 103 12.04 1.55 10.34
C LEU J 103 11.35 2.26 11.49
N PRO J 104 10.54 1.51 12.26
CA PRO J 104 9.88 2.08 13.44
C PRO J 104 10.89 2.52 14.50
N GLY J 105 10.55 3.60 15.21
CA GLY J 105 11.42 4.30 16.15
C GLY J 105 12.69 3.65 16.70
N GLU J 106 12.52 2.69 17.60
CA GLU J 106 13.65 2.12 18.31
C GLU J 106 14.61 1.40 17.35
N LEU J 107 14.05 0.51 16.56
CA LEU J 107 14.78 -0.23 15.53
C LEU J 107 15.52 0.72 14.60
N ALA J 108 14.88 1.84 14.27
CA ALA J 108 15.53 2.84 13.42
C ALA J 108 16.75 3.41 14.12
N LYS J 109 16.59 3.79 15.38
CA LYS J 109 17.69 4.32 16.18
C LYS J 109 18.90 3.39 16.20
N HIS J 110 18.66 2.10 16.50
CA HIS J 110 19.75 1.13 16.56
C HIS J 110 20.37 0.90 15.17
N ALA J 111 19.54 0.90 14.14
CA ALA J 111 20.01 0.74 12.77
C ALA J 111 20.95 1.88 12.35
N VAL J 112 20.58 3.10 12.72
CA VAL J 112 21.40 4.28 12.46
C VAL J 112 22.72 4.17 13.22
N SER J 113 22.64 3.71 14.46
CA SER J 113 23.83 3.48 15.26
C SER J 113 24.81 2.54 14.55
N GLU J 114 24.35 1.32 14.27
CA GLU J 114 25.18 0.31 13.60
C GLU J 114 25.76 0.85 12.30
N GLY J 115 24.93 1.55 11.51
CA GLY J 115 25.37 2.13 10.27
C GLY J 115 26.54 3.09 10.42
N THR J 116 26.36 4.09 11.29
CA THR J 116 27.43 5.06 11.53
C THR J 116 28.69 4.37 12.03
N LYS J 117 28.52 3.36 12.89
CA LYS J 117 29.64 2.59 13.43
C LYS J 117 30.45 1.92 12.32
N ALA J 118 29.75 1.21 11.44
CA ALA J 118 30.41 0.50 10.35
C ALA J 118 31.11 1.48 9.40
N VAL J 119 30.48 2.63 9.16
CA VAL J 119 31.09 3.58 8.25
C VAL J 119 32.33 4.24 8.85
N THR J 120 32.29 4.61 10.13
CA THR J 120 33.47 5.19 10.75
C THR J 120 34.59 4.16 10.86
N LYS J 121 34.24 2.92 11.17
CA LYS J 121 35.23 1.85 11.23
C LYS J 121 35.87 1.63 9.87
N TYR J 122 35.06 1.68 8.82
CA TYR J 122 35.56 1.48 7.45
C TYR J 122 36.43 2.65 6.98
N THR J 123 36.08 3.87 7.40
CA THR J 123 36.91 5.03 7.15
C THR J 123 38.18 4.92 7.98
N SER J 124 38.14 4.10 9.04
CA SER J 124 39.28 3.96 9.95
C SER J 124 40.16 2.76 9.61
N SER J 125 40.02 2.22 8.42
CA SER J 125 40.88 1.14 7.97
C SER J 125 41.59 1.57 6.67
N LYS J 126 42.93 1.59 6.66
CA LYS J 126 43.72 1.87 5.45
C LYS J 126 44.40 0.63 4.87
#